data_6O8F
#
_entry.id   6O8F
#
_cell.length_a   58.157
_cell.length_b   265.250
_cell.length_c   68.315
_cell.angle_alpha   90.000
_cell.angle_beta   114.390
_cell.angle_gamma   90.000
#
_symmetry.space_group_name_H-M   'P 1 21 1'
#
loop_
_entity.id
_entity.type
_entity.pdbx_description
1 polymer 'UvrABC system protein B'
2 polymer "DNA (5'-D(*GP*CP*TP*CP*TP*AP*GP*AP*TP*TP*TP*TP*CP*AP*TP*AP*CP*GP*GP*C)-3')"
3 polymer "DNA (5'-D(*GP*CP*CP*GP*TP*AP*TP*GP*CP*CP*AP*AP*TP*CP*TP*AP*GP*AP*GP*C)-3')"
4 non-polymer 'CHLORIDE ION'
5 non-polymer 'MAGNESIUM ION'
6 non-polymer 'ACETATE ION'
7 water water
#
loop_
_entity_poly.entity_id
_entity_poly.type
_entity_poly.pdbx_seq_one_letter_code
_entity_poly.pdbx_strand_id
1 'polypeptide(L)'
;VEGRFQLVAPYEPQGDQPQAIAKLVDGLRRGVKHQTLLGATGTGKTFTISNVIAQVNKPTLVIAHNKTLAGQLYSELKEF
FPHNAVEYFVSYYDYYQPEAYVPQTDTYIEKDAKINDEIDKLRHSATSALFERRDVIIVASVSSIYGLGSPEEYRELVVS
LRVGMEIERNALLRRLVDIQYDRNDIDFRRGTFRVRGDVVEIFPASRDEHSIRVEFFGDEIERIREVDALTGEVLGEREH
VAIFPASHFVCREEKMRLAIQNIEQELEERLAELRAQGKLLEAQRLEQRTRYDLEMMREMGFSSGIENYSRHLALRPPGS
TPYTLLDYFPDDFLIIVDESHVTLPQLRGMYNGDRARKQVLVDHGFRLPSALDNRPLTFEEFEQKINQIIYVSATPGPYE
LEHSPGVVEQIIRPTGLLDPTIDVRPTKGQIDDLIGEIRERVERNERTLVTTLTKKMAEDLTDYLKEAGIKVAYLHSEIK
TLERIEIIRDLRLGKYDVLVGINLLREGLDIPEVSLVAILDADKEGFLRSERSLIQTIGRAARNANGHVIMYADTITKSM
EIAIQETKRRRAIQEEYNRKHGIVPRTVKKEIR
;
A,B
2 'polydeoxyribonucleotide' (DG)(DC)(DT)(DC)(DT)(DA)(DG)(DA)(DT)(DT)(DT)(DT)(DC)(DA)(DT)(DA)(DC)(DG)(DG)(DC) C,E
3 'polydeoxyribonucleotide' (DG)(DC)(DC)(DG)(DT)(DA)(DT)(DG)(DC)(DC)(DA)(DA)(DT)(DC)(DT)(DA)(DG)(DA)(DG)(DC) D,F
#
# COMPACT_ATOMS: atom_id res chain seq x y z
N GLY A 3 -13.97 -12.52 -4.40
CA GLY A 3 -12.68 -13.08 -4.88
C GLY A 3 -12.84 -14.14 -5.97
N ARG A 4 -11.72 -14.76 -6.35
CA ARG A 4 -11.67 -15.75 -7.43
C ARG A 4 -10.45 -16.65 -7.22
N PHE A 5 -10.66 -17.97 -7.16
CA PHE A 5 -9.57 -18.91 -6.97
C PHE A 5 -8.68 -18.99 -8.20
N GLN A 6 -7.36 -18.96 -7.98
CA GLN A 6 -6.36 -19.10 -9.04
C GLN A 6 -5.52 -20.34 -8.79
N LEU A 7 -5.86 -21.42 -9.48
CA LEU A 7 -5.09 -22.66 -9.35
C LEU A 7 -3.75 -22.47 -10.03
N VAL A 8 -2.70 -22.90 -9.35
CA VAL A 8 -1.33 -22.79 -9.87
C VAL A 8 -0.63 -24.12 -9.69
N ALA A 9 -0.36 -24.79 -10.80
CA ALA A 9 0.52 -25.96 -10.83
C ALA A 9 1.26 -25.95 -12.16
N PRO A 10 2.35 -26.74 -12.26
CA PRO A 10 3.00 -26.93 -13.57
C PRO A 10 2.16 -27.80 -14.53
N TYR A 11 1.55 -28.84 -13.97
CA TYR A 11 0.93 -29.92 -14.75
C TYR A 11 -0.55 -29.66 -14.92
N GLU A 12 -1.14 -30.38 -15.89
CA GLU A 12 -2.56 -30.32 -16.19
C GLU A 12 -3.16 -31.55 -15.47
N PRO A 13 -4.51 -31.66 -15.41
CA PRO A 13 -5.06 -32.94 -14.97
C PRO A 13 -4.71 -34.07 -15.94
N GLN A 14 -4.48 -35.27 -15.41
CA GLN A 14 -4.04 -36.43 -16.18
C GLN A 14 -4.77 -37.67 -15.73
N GLY A 15 -4.61 -38.74 -16.50
CA GLY A 15 -5.17 -40.05 -16.17
C GLY A 15 -6.68 -40.01 -16.07
N ASP A 16 -7.17 -40.45 -14.91
CA ASP A 16 -8.59 -40.38 -14.56
C ASP A 16 -9.04 -38.99 -14.12
N GLN A 17 -8.11 -38.07 -13.82
CA GLN A 17 -8.48 -36.80 -13.17
C GLN A 17 -9.52 -35.97 -13.94
N PRO A 18 -9.37 -35.82 -15.27
CA PRO A 18 -10.31 -34.99 -16.05
C PRO A 18 -11.79 -35.33 -15.91
N GLN A 19 -12.14 -36.59 -16.14
CA GLN A 19 -13.54 -37.01 -16.03
C GLN A 19 -14.05 -36.83 -14.60
N ALA A 20 -13.23 -37.23 -13.63
CA ALA A 20 -13.56 -37.07 -12.20
C ALA A 20 -13.91 -35.64 -11.83
N ILE A 21 -13.11 -34.70 -12.33
CA ILE A 21 -13.31 -33.28 -12.08
C ILE A 21 -14.63 -32.83 -12.71
N ALA A 22 -14.88 -33.29 -13.94
CA ALA A 22 -16.09 -32.93 -14.68
C ALA A 22 -17.37 -33.40 -13.99
N LYS A 23 -17.34 -34.62 -13.45
CA LYS A 23 -18.50 -35.23 -12.79
C LYS A 23 -18.88 -34.48 -11.50
N LEU A 24 -17.86 -34.20 -10.68
CA LEU A 24 -18.03 -33.49 -9.42
C LEU A 24 -18.49 -32.05 -9.62
N VAL A 25 -17.97 -31.39 -10.66
CA VAL A 25 -18.36 -30.00 -10.94
C VAL A 25 -19.81 -29.95 -11.42
N ASP A 26 -20.22 -30.89 -12.27
CA ASP A 26 -21.59 -30.90 -12.80
C ASP A 26 -22.61 -31.22 -11.72
N GLY A 27 -22.31 -32.20 -10.86
CA GLY A 27 -23.14 -32.50 -9.69
C GLY A 27 -23.30 -31.30 -8.76
N LEU A 28 -22.20 -30.59 -8.50
CA LEU A 28 -22.25 -29.37 -7.70
C LEU A 28 -23.09 -28.28 -8.37
N ARG A 29 -23.00 -28.15 -9.69
CA ARG A 29 -23.74 -27.11 -10.44
C ARG A 29 -25.22 -27.46 -10.59
N ARG A 30 -25.52 -28.74 -10.74
CA ARG A 30 -26.90 -29.23 -10.71
C ARG A 30 -27.57 -29.13 -9.34
N GLY A 31 -26.80 -28.86 -8.29
CA GLY A 31 -27.35 -28.63 -6.96
C GLY A 31 -27.41 -29.89 -6.11
N VAL A 32 -26.63 -30.91 -6.48
CA VAL A 32 -26.59 -32.18 -5.74
C VAL A 32 -25.87 -31.96 -4.41
N LYS A 33 -26.45 -32.53 -3.35
CA LYS A 33 -26.05 -32.25 -1.98
C LYS A 33 -24.81 -33.05 -1.56
N HIS A 34 -24.90 -34.36 -1.73
CA HIS A 34 -23.84 -35.29 -1.38
C HIS A 34 -23.30 -35.94 -2.65
N GLN A 35 -21.98 -35.86 -2.84
CA GLN A 35 -21.26 -36.66 -3.83
C GLN A 35 -20.06 -37.35 -3.19
N THR A 36 -19.54 -38.36 -3.88
CA THR A 36 -18.50 -39.22 -3.34
C THR A 36 -17.41 -39.48 -4.37
N LEU A 37 -16.20 -38.99 -4.09
CA LEU A 37 -15.03 -39.26 -4.92
C LEU A 37 -14.39 -40.54 -4.43
N LEU A 38 -14.67 -41.65 -5.13
CA LEU A 38 -14.01 -42.92 -4.88
C LEU A 38 -12.64 -42.87 -5.53
N GLY A 39 -11.72 -42.15 -4.91
CA GLY A 39 -10.38 -41.99 -5.44
C GLY A 39 -9.41 -42.97 -4.82
N ALA A 40 -8.89 -43.89 -5.63
CA ALA A 40 -7.88 -44.85 -5.18
C ALA A 40 -6.60 -44.16 -4.79
N THR A 41 -5.83 -44.80 -3.93
CA THR A 41 -4.67 -44.15 -3.32
C THR A 41 -3.61 -43.78 -4.35
N GLY A 42 -2.98 -42.63 -4.12
CA GLY A 42 -1.94 -42.13 -5.00
C GLY A 42 -2.40 -41.83 -6.41
N THR A 43 -3.61 -41.27 -6.53
CA THR A 43 -4.16 -40.77 -7.81
C THR A 43 -4.21 -39.24 -7.90
N GLY A 44 -3.67 -38.53 -6.90
CA GLY A 44 -3.66 -37.06 -6.92
C GLY A 44 -5.00 -36.48 -6.54
N LYS A 45 -5.52 -36.94 -5.42
CA LYS A 45 -6.85 -36.55 -4.96
C LYS A 45 -6.95 -35.08 -4.54
N THR A 46 -5.88 -34.53 -3.99
CA THR A 46 -5.86 -33.12 -3.60
C THR A 46 -5.84 -32.19 -4.81
N PHE A 47 -5.19 -32.61 -5.90
CA PHE A 47 -5.19 -31.82 -7.15
C PHE A 47 -6.55 -31.87 -7.84
N THR A 48 -7.19 -33.04 -7.83
CA THR A 48 -8.55 -33.20 -8.36
C THR A 48 -9.52 -32.24 -7.66
N ILE A 49 -9.54 -32.28 -6.33
CA ILE A 49 -10.47 -31.48 -5.56
C ILE A 49 -10.17 -29.98 -5.67
N SER A 50 -8.88 -29.63 -5.82
CA SER A 50 -8.49 -28.24 -6.06
C SER A 50 -9.10 -27.74 -7.35
N ASN A 51 -9.05 -28.57 -8.40
CA ASN A 51 -9.68 -28.23 -9.68
C ASN A 51 -11.17 -27.93 -9.51
N VAL A 52 -11.87 -28.78 -8.77
CA VAL A 52 -13.31 -28.56 -8.50
C VAL A 52 -13.51 -27.20 -7.79
N ILE A 53 -12.74 -26.96 -6.74
CA ILE A 53 -12.81 -25.71 -5.97
C ILE A 53 -12.57 -24.51 -6.88
N ALA A 54 -11.54 -24.61 -7.72
CA ALA A 54 -11.20 -23.56 -8.70
C ALA A 54 -12.32 -23.31 -9.73
N GLN A 55 -12.99 -24.37 -10.18
CA GLN A 55 -14.04 -24.25 -11.16
C GLN A 55 -15.34 -23.67 -10.60
N VAL A 56 -15.78 -24.14 -9.43
CA VAL A 56 -17.07 -23.70 -8.84
C VAL A 56 -16.96 -22.45 -7.96
N ASN A 57 -15.75 -22.10 -7.57
CA ASN A 57 -15.47 -20.84 -6.89
C ASN A 57 -16.38 -20.56 -5.69
N LYS A 58 -16.46 -21.53 -4.79
CA LYS A 58 -17.18 -21.40 -3.51
C LYS A 58 -16.19 -21.45 -2.34
N PRO A 59 -16.45 -20.68 -1.25
CA PRO A 59 -15.61 -20.84 -0.06
C PRO A 59 -15.78 -22.24 0.54
N THR A 60 -14.67 -22.88 0.90
CA THR A 60 -14.62 -24.33 1.11
C THR A 60 -13.99 -24.70 2.45
N LEU A 61 -14.55 -25.74 3.07
CA LEU A 61 -14.03 -26.31 4.31
C LEU A 61 -13.55 -27.76 4.06
N VAL A 62 -12.23 -27.99 4.11
CA VAL A 62 -11.70 -29.33 4.06
C VAL A 62 -11.57 -29.87 5.49
N ILE A 63 -12.27 -30.96 5.78
CA ILE A 63 -12.27 -31.59 7.12
C ILE A 63 -11.41 -32.85 7.07
N ALA A 64 -10.43 -32.97 7.96
CA ALA A 64 -9.57 -34.16 8.02
C ALA A 64 -9.66 -34.86 9.37
N HIS A 65 -9.43 -36.16 9.35
CA HIS A 65 -9.55 -36.96 10.57
C HIS A 65 -8.31 -36.89 11.44
N ASN A 66 -7.18 -36.43 10.90
CA ASN A 66 -5.99 -36.20 11.73
C ASN A 66 -5.14 -35.01 11.32
N LYS A 67 -4.36 -34.53 12.28
CA LYS A 67 -3.70 -33.23 12.17
C LYS A 67 -2.44 -33.27 11.31
N THR A 68 -1.77 -34.41 11.24
CA THR A 68 -0.65 -34.60 10.30
C THR A 68 -1.15 -34.42 8.85
N LEU A 69 -2.21 -35.17 8.49
CA LEU A 69 -2.85 -35.04 7.19
C LEU A 69 -3.41 -33.65 6.97
N ALA A 70 -4.02 -33.09 7.99
CA ALA A 70 -4.48 -31.69 7.96
C ALA A 70 -3.35 -30.74 7.53
N GLY A 71 -2.17 -30.91 8.14
CA GLY A 71 -1.00 -30.10 7.83
C GLY A 71 -0.54 -30.21 6.38
N GLN A 72 -0.53 -31.44 5.86
CA GLN A 72 -0.12 -31.69 4.47
C GLN A 72 -1.09 -31.04 3.48
N LEU A 73 -2.39 -31.30 3.67
CA LEU A 73 -3.44 -30.65 2.86
C LEU A 73 -3.26 -29.13 2.84
N TYR A 74 -3.02 -28.56 4.01
CA TYR A 74 -2.76 -27.12 4.17
C TYR A 74 -1.49 -26.64 3.44
N SER A 75 -0.42 -27.43 3.48
CA SER A 75 0.80 -27.14 2.71
C SER A 75 0.59 -27.19 1.20
N GLU A 76 0.00 -28.28 0.73
CA GLU A 76 -0.25 -28.51 -0.69
C GLU A 76 -1.19 -27.48 -1.26
N LEU A 77 -2.27 -27.20 -0.54
CA LEU A 77 -3.25 -26.17 -0.95
C LEU A 77 -2.68 -24.74 -0.96
N LYS A 78 -1.74 -24.46 -0.05
CA LYS A 78 -1.03 -23.18 -0.06
C LYS A 78 -0.18 -22.99 -1.32
N GLU A 79 0.41 -24.08 -1.82
CA GLU A 79 1.16 -24.03 -3.07
C GLU A 79 0.25 -23.97 -4.29
N PHE A 80 -0.85 -24.72 -4.27
CA PHE A 80 -1.86 -24.66 -5.35
C PHE A 80 -2.59 -23.32 -5.42
N PHE A 81 -2.84 -22.67 -4.28
CA PHE A 81 -3.58 -21.40 -4.27
C PHE A 81 -2.81 -20.31 -3.53
N PRO A 82 -1.65 -19.89 -4.07
CA PRO A 82 -0.81 -18.92 -3.38
C PRO A 82 -1.37 -17.50 -3.41
N HIS A 83 -2.34 -17.23 -4.28
CA HIS A 83 -2.98 -15.91 -4.35
C HIS A 83 -4.30 -15.83 -3.57
N ASN A 84 -4.66 -16.91 -2.87
CA ASN A 84 -5.93 -17.00 -2.17
C ASN A 84 -5.72 -17.26 -0.68
N ALA A 85 -6.79 -17.07 0.10
CA ALA A 85 -6.78 -17.30 1.54
C ALA A 85 -6.93 -18.79 1.89
N VAL A 86 -5.80 -19.50 1.93
CA VAL A 86 -5.76 -20.86 2.46
C VAL A 86 -5.48 -20.74 3.96
N GLU A 87 -6.32 -21.37 4.77
CA GLU A 87 -6.32 -21.17 6.23
C GLU A 87 -6.29 -22.50 6.97
N TYR A 88 -6.05 -22.43 8.28
CA TYR A 88 -5.88 -23.61 9.12
C TYR A 88 -6.72 -23.45 10.40
N PHE A 89 -7.41 -24.52 10.81
CA PHE A 89 -8.34 -24.47 11.94
C PHE A 89 -8.40 -25.83 12.67
N VAL A 90 -7.57 -25.98 13.70
CA VAL A 90 -7.49 -27.20 14.51
C VAL A 90 -7.51 -26.85 16.01
N SER A 91 -7.43 -27.87 16.87
CA SER A 91 -7.25 -27.65 18.30
C SER A 91 -6.01 -26.85 18.55
N TYR A 92 -6.13 -25.82 19.37
CA TYR A 92 -5.02 -24.92 19.65
C TYR A 92 -4.32 -25.21 20.96
N TYR A 93 -4.51 -26.42 21.48
CA TYR A 93 -4.04 -26.81 22.80
C TYR A 93 -2.78 -27.59 22.65
N ASP A 94 -1.69 -27.17 23.33
CA ASP A 94 -0.49 -27.99 23.41
C ASP A 94 -0.80 -29.28 24.18
N TYR A 95 -1.43 -29.14 25.34
CA TYR A 95 -2.09 -30.26 26.00
C TYR A 95 -3.43 -29.82 26.57
N TYR A 96 -4.26 -30.80 26.86
CA TYR A 96 -5.58 -30.57 27.44
C TYR A 96 -6.09 -31.84 28.11
N GLN A 97 -6.47 -31.74 29.38
CA GLN A 97 -7.31 -32.76 30.02
C GLN A 97 -8.61 -32.06 30.39
N PRO A 98 -9.76 -32.62 29.98
CA PRO A 98 -11.01 -32.00 30.41
C PRO A 98 -11.33 -32.28 31.86
N GLU A 99 -12.31 -31.56 32.38
CA GLU A 99 -12.89 -31.86 33.66
C GLU A 99 -13.66 -33.17 33.47
N ALA A 100 -13.35 -34.15 34.32
CA ALA A 100 -13.99 -35.46 34.27
C ALA A 100 -14.13 -36.08 35.65
N TYR A 101 -15.20 -36.88 35.81
CA TYR A 101 -15.38 -37.72 36.99
C TYR A 101 -15.50 -39.18 36.53
N VAL A 102 -14.78 -40.05 37.22
CA VAL A 102 -14.67 -41.46 36.87
C VAL A 102 -15.29 -42.24 38.03
N PRO A 103 -16.59 -42.61 37.93
CA PRO A 103 -17.27 -43.25 39.07
C PRO A 103 -16.62 -44.53 39.59
N GLN A 104 -16.04 -45.34 38.71
CA GLN A 104 -15.49 -46.65 39.08
C GLN A 104 -14.34 -46.54 40.06
N THR A 105 -13.48 -45.54 39.86
CA THR A 105 -12.35 -45.26 40.76
C THR A 105 -12.59 -44.00 41.62
N ASP A 106 -13.84 -43.52 41.68
CA ASP A 106 -14.24 -42.36 42.50
C ASP A 106 -13.23 -41.20 42.47
N THR A 107 -12.86 -40.74 41.27
CA THR A 107 -11.83 -39.72 41.14
C THR A 107 -12.34 -38.54 40.33
N TYR A 108 -12.13 -37.33 40.86
CA TYR A 108 -12.34 -36.10 40.11
C TYR A 108 -11.01 -35.70 39.50
N ILE A 109 -11.06 -35.28 38.24
CA ILE A 109 -9.90 -34.87 37.44
C ILE A 109 -10.05 -33.40 37.04
N GLU A 110 -9.10 -32.57 37.47
CA GLU A 110 -9.10 -31.14 37.17
C GLU A 110 -8.91 -30.93 35.67
N LYS A 111 -9.54 -29.88 35.15
CA LYS A 111 -9.23 -29.39 33.81
C LYS A 111 -7.86 -28.74 33.83
N ASP A 112 -6.96 -29.22 32.97
CA ASP A 112 -5.64 -28.64 32.80
C ASP A 112 -5.51 -28.31 31.34
N ALA A 113 -4.95 -27.16 31.02
CA ALA A 113 -4.71 -26.77 29.65
C ALA A 113 -3.43 -25.96 29.46
N LYS A 114 -3.09 -25.77 28.18
CA LYS A 114 -1.93 -25.00 27.75
C LYS A 114 -2.10 -24.73 26.26
N ILE A 115 -2.00 -23.46 25.88
CA ILE A 115 -2.41 -22.98 24.55
C ILE A 115 -1.21 -22.76 23.65
N ASN A 116 -1.33 -23.18 22.39
CA ASN A 116 -0.32 -22.94 21.36
C ASN A 116 -0.70 -21.68 20.63
N ASP A 117 0.23 -20.72 20.61
CA ASP A 117 -0.04 -19.38 20.10
C ASP A 117 -0.20 -19.34 18.59
N GLU A 118 0.66 -20.07 17.87
CA GLU A 118 0.57 -20.14 16.40
C GLU A 118 -0.80 -20.66 15.92
N ILE A 119 -1.29 -21.73 16.54
CA ILE A 119 -2.55 -22.32 16.10
C ILE A 119 -3.70 -21.36 16.36
N ASP A 120 -3.67 -20.65 17.50
CA ASP A 120 -4.69 -19.64 17.79
C ASP A 120 -4.65 -18.49 16.77
N LYS A 121 -3.45 -18.06 16.40
CA LYS A 121 -3.28 -17.07 15.32
C LYS A 121 -3.94 -17.53 14.01
N LEU A 122 -3.68 -18.79 13.64
CA LEU A 122 -4.26 -19.39 12.42
C LEU A 122 -5.80 -19.45 12.51
N ARG A 123 -6.30 -19.82 13.69
CA ARG A 123 -7.73 -19.89 13.90
C ARG A 123 -8.38 -18.54 13.65
N HIS A 124 -7.75 -17.46 14.11
CA HIS A 124 -8.24 -16.10 13.85
C HIS A 124 -8.07 -15.62 12.41
N SER A 125 -6.95 -15.98 11.78
CA SER A 125 -6.78 -15.77 10.34
C SER A 125 -7.89 -16.45 9.54
N ALA A 126 -8.26 -17.67 9.94
CA ALA A 126 -9.30 -18.42 9.25
C ALA A 126 -10.69 -17.76 9.33
N THR A 127 -11.13 -17.42 10.55
CA THR A 127 -12.45 -16.82 10.75
C THR A 127 -12.55 -15.44 10.16
N SER A 128 -11.51 -14.62 10.35
CA SER A 128 -11.51 -13.27 9.82
C SER A 128 -11.52 -13.28 8.28
N ALA A 129 -10.73 -14.16 7.67
CA ALA A 129 -10.75 -14.35 6.21
C ALA A 129 -12.16 -14.55 5.62
N LEU A 130 -13.00 -15.32 6.31
CA LEU A 130 -14.37 -15.60 5.84
C LEU A 130 -15.29 -14.38 5.75
N PHE A 131 -14.94 -13.29 6.43
CA PHE A 131 -15.63 -12.00 6.27
C PHE A 131 -14.90 -11.03 5.34
N GLU A 132 -13.58 -11.09 5.28
CA GLU A 132 -12.81 -10.16 4.46
C GLU A 132 -12.98 -10.42 2.98
N ARG A 133 -13.20 -11.67 2.60
CA ARG A 133 -13.18 -12.09 1.18
C ARG A 133 -13.87 -13.43 0.95
N ARG A 134 -14.08 -13.76 -0.31
CA ARG A 134 -14.83 -14.96 -0.71
C ARG A 134 -13.98 -16.15 -1.17
N ASP A 135 -12.71 -15.90 -1.50
CA ASP A 135 -11.78 -16.91 -2.02
C ASP A 135 -10.98 -17.53 -0.88
N VAL A 136 -11.68 -18.26 -0.03
CA VAL A 136 -11.12 -18.84 1.21
C VAL A 136 -11.27 -20.35 1.21
N ILE A 137 -10.18 -21.06 1.50
CA ILE A 137 -10.24 -22.49 1.80
C ILE A 137 -9.68 -22.69 3.19
N ILE A 138 -10.45 -23.32 4.08
CA ILE A 138 -9.97 -23.70 5.44
C ILE A 138 -9.80 -25.22 5.55
N VAL A 139 -8.59 -25.64 5.90
CA VAL A 139 -8.33 -27.02 6.32
C VAL A 139 -8.61 -27.09 7.84
N ALA A 140 -9.44 -28.05 8.25
CA ALA A 140 -9.81 -28.14 9.66
C ALA A 140 -9.92 -29.58 10.17
N SER A 141 -9.79 -29.71 11.48
CA SER A 141 -10.09 -30.94 12.19
C SER A 141 -11.55 -30.86 12.56
N VAL A 142 -12.05 -31.87 13.27
CA VAL A 142 -13.39 -31.79 13.85
C VAL A 142 -13.58 -30.66 14.88
N SER A 143 -12.53 -29.91 15.20
CA SER A 143 -12.68 -28.60 15.87
C SER A 143 -13.74 -27.71 15.18
N SER A 144 -13.91 -27.87 13.88
CA SER A 144 -14.94 -27.16 13.13
C SER A 144 -16.35 -27.27 13.72
N ILE A 145 -16.70 -28.41 14.32
CA ILE A 145 -18.05 -28.60 14.88
C ILE A 145 -18.19 -28.19 16.37
N TYR A 146 -17.17 -27.55 16.95
CA TYR A 146 -17.22 -27.14 18.35
C TYR A 146 -17.67 -25.71 18.49
N GLY A 147 -18.01 -25.34 19.72
CA GLY A 147 -18.63 -24.05 19.98
C GLY A 147 -17.70 -22.87 19.77
N LEU A 148 -18.14 -21.93 18.95
CA LEU A 148 -17.61 -20.56 18.91
C LEU A 148 -18.78 -19.62 19.22
N GLY A 149 -18.47 -18.35 19.50
CA GLY A 149 -19.50 -17.32 19.61
C GLY A 149 -20.11 -17.07 18.24
N SER A 150 -21.30 -16.46 18.20
CA SER A 150 -22.02 -16.32 16.91
C SER A 150 -21.25 -15.46 15.93
N PRO A 151 -21.35 -15.75 14.63
CA PRO A 151 -20.67 -14.94 13.62
C PRO A 151 -21.23 -13.50 13.51
N GLU A 152 -22.51 -13.32 13.81
CA GLU A 152 -23.12 -11.99 13.76
C GLU A 152 -22.48 -11.08 14.79
N GLU A 153 -22.39 -11.56 16.03
CA GLU A 153 -21.71 -10.84 17.11
C GLU A 153 -20.23 -10.61 16.79
N TYR A 154 -19.56 -11.61 16.23
CA TYR A 154 -18.14 -11.52 15.84
C TYR A 154 -17.91 -10.43 14.80
N ARG A 155 -18.87 -10.27 13.88
CA ARG A 155 -18.78 -9.28 12.80
C ARG A 155 -19.06 -7.87 13.29
N GLU A 156 -20.15 -7.69 14.03
CA GLU A 156 -20.57 -6.35 14.47
C GLU A 156 -19.61 -5.68 15.47
N LEU A 157 -18.79 -6.48 16.16
CA LEU A 157 -17.75 -5.95 17.05
C LEU A 157 -16.46 -5.51 16.34
N VAL A 158 -16.36 -5.72 15.03
CA VAL A 158 -15.18 -5.28 14.25
C VAL A 158 -14.97 -3.76 14.35
N VAL A 159 -13.71 -3.35 14.37
CA VAL A 159 -13.33 -1.95 14.31
C VAL A 159 -12.77 -1.70 12.91
N SER A 160 -13.63 -1.17 12.03
CA SER A 160 -13.27 -0.94 10.63
C SER A 160 -12.68 0.47 10.44
N LEU A 161 -11.50 0.54 9.82
CA LEU A 161 -10.76 1.81 9.66
C LEU A 161 -10.42 2.15 8.20
N ARG A 162 -10.56 3.44 7.85
CA ARG A 162 -10.28 3.99 6.51
C ARG A 162 -9.60 5.37 6.62
N VAL A 163 -8.68 5.67 5.70
CA VAL A 163 -8.04 7.00 5.65
C VAL A 163 -9.13 8.04 5.37
N GLY A 164 -9.17 9.09 6.20
CA GLY A 164 -10.25 10.07 6.14
C GLY A 164 -11.21 9.99 7.30
N MET A 165 -11.26 8.85 7.99
CA MET A 165 -12.15 8.68 9.17
C MET A 165 -11.92 9.77 10.22
N GLU A 166 -12.98 10.12 10.95
CA GLU A 166 -12.86 10.97 12.13
C GLU A 166 -13.23 10.16 13.39
N ILE A 167 -12.23 9.96 14.27
CA ILE A 167 -12.41 9.16 15.49
C ILE A 167 -11.36 9.54 16.54
N GLU A 168 -11.78 9.66 17.79
CA GLU A 168 -10.88 10.10 18.87
C GLU A 168 -9.82 9.00 19.13
N ARG A 169 -8.55 9.42 19.19
CA ARG A 169 -7.42 8.52 19.44
C ARG A 169 -7.71 7.51 20.53
N ASN A 170 -8.14 8.02 21.68
CA ASN A 170 -8.42 7.18 22.87
C ASN A 170 -9.68 6.32 22.70
N ALA A 171 -10.62 6.78 21.89
CA ALA A 171 -11.86 6.03 21.62
C ALA A 171 -11.60 4.73 20.83
N LEU A 172 -10.64 4.78 19.92
CA LEU A 172 -10.16 3.57 19.22
C LEU A 172 -9.55 2.58 20.23
N LEU A 173 -8.56 3.06 20.99
CA LEU A 173 -7.90 2.30 22.07
C LEU A 173 -8.88 1.61 23.03
N ARG A 174 -9.89 2.36 23.48
CA ARG A 174 -10.87 1.85 24.44
C ARG A 174 -11.85 0.84 23.80
N ARG A 175 -12.04 0.92 22.48
CA ARG A 175 -12.80 -0.09 21.73
C ARG A 175 -11.98 -1.36 21.49
N LEU A 176 -10.68 -1.19 21.21
CA LEU A 176 -9.76 -2.33 21.07
C LEU A 176 -9.72 -3.20 22.32
N VAL A 177 -9.70 -2.57 23.49
CA VAL A 177 -9.79 -3.30 24.76
C VAL A 177 -11.11 -4.09 24.86
N ASP A 178 -12.22 -3.50 24.40
CA ASP A 178 -13.52 -4.19 24.39
C ASP A 178 -13.46 -5.49 23.58
N ILE A 179 -12.75 -5.46 22.45
CA ILE A 179 -12.58 -6.65 21.62
C ILE A 179 -11.29 -7.45 21.94
N GLN A 180 -10.90 -7.44 23.21
CA GLN A 180 -9.91 -8.34 23.80
C GLN A 180 -8.42 -8.09 23.46
N TYR A 181 -8.09 -6.90 22.96
CA TYR A 181 -6.67 -6.50 22.81
C TYR A 181 -6.13 -5.87 24.11
N ASP A 182 -4.81 -5.97 24.28
CA ASP A 182 -4.08 -5.44 25.43
C ASP A 182 -3.09 -4.39 24.98
N ARG A 183 -2.92 -3.31 25.74
CA ARG A 183 -1.81 -2.40 25.48
C ARG A 183 -0.51 -3.14 25.87
N ASN A 184 0.56 -2.89 25.13
CA ASN A 184 1.89 -3.44 25.44
C ASN A 184 2.98 -2.71 24.66
N ASP A 185 3.67 -1.78 25.33
CA ASP A 185 4.76 -1.02 24.72
C ASP A 185 6.11 -1.75 24.78
N ILE A 186 6.21 -2.80 25.59
CA ILE A 186 7.46 -3.51 25.83
C ILE A 186 7.55 -4.65 24.83
N ASP A 187 6.60 -5.57 24.90
CA ASP A 187 6.53 -6.76 24.06
C ASP A 187 5.38 -6.61 23.05
N PHE A 188 5.72 -6.02 21.89
CA PHE A 188 4.73 -5.77 20.83
C PHE A 188 4.60 -7.02 19.96
N ARG A 189 3.47 -7.70 20.11
CA ARG A 189 3.21 -8.98 19.48
C ARG A 189 1.72 -9.05 19.13
N ARG A 190 1.27 -10.16 18.53
CA ARG A 190 -0.12 -10.26 18.09
C ARG A 190 -1.07 -10.17 19.25
N GLY A 191 -2.24 -9.57 18.99
CA GLY A 191 -3.25 -9.35 20.00
C GLY A 191 -2.92 -8.23 20.97
N THR A 192 -2.00 -7.33 20.58
CA THR A 192 -1.65 -6.17 21.40
C THR A 192 -1.48 -4.94 20.53
N PHE A 193 -1.55 -3.76 21.16
CA PHE A 193 -1.31 -2.48 20.48
C PHE A 193 -0.40 -1.57 21.29
N ARG A 194 0.01 -0.46 20.69
CA ARG A 194 0.79 0.57 21.38
C ARG A 194 0.64 1.92 20.69
N VAL A 195 1.27 2.96 21.28
CA VAL A 195 1.30 4.30 20.69
C VAL A 195 2.72 4.85 20.67
N ARG A 196 3.04 5.58 19.61
CA ARG A 196 4.32 6.28 19.47
C ARG A 196 4.04 7.69 18.93
N GLY A 197 3.47 8.53 19.79
CA GLY A 197 3.07 9.88 19.45
C GLY A 197 1.76 9.87 18.69
N ASP A 198 1.86 10.07 17.37
CA ASP A 198 0.71 10.13 16.47
C ASP A 198 0.30 8.76 15.90
N VAL A 199 1.26 7.88 15.65
CA VAL A 199 0.95 6.52 15.15
C VAL A 199 0.38 5.66 16.28
N VAL A 200 -0.79 5.05 16.03
CA VAL A 200 -1.36 4.00 16.89
C VAL A 200 -1.10 2.66 16.22
N GLU A 201 -0.09 1.94 16.70
CA GLU A 201 0.35 0.68 16.09
C GLU A 201 -0.45 -0.53 16.61
N ILE A 202 -1.15 -1.23 15.73
CA ILE A 202 -2.04 -2.36 16.09
C ILE A 202 -1.59 -3.66 15.43
N PHE A 203 -1.37 -4.68 16.26
CA PHE A 203 -0.93 -5.99 15.78
C PHE A 203 -2.19 -6.86 15.79
N PRO A 204 -2.75 -7.18 14.60
CA PRO A 204 -4.03 -7.93 14.65
C PRO A 204 -3.85 -9.36 15.15
N ALA A 205 -4.90 -9.91 15.74
CA ALA A 205 -4.92 -11.29 16.30
C ALA A 205 -4.66 -12.39 15.27
N SER A 206 -4.95 -12.11 14.00
CA SER A 206 -4.69 -13.04 12.89
C SER A 206 -3.26 -13.08 12.35
N ARG A 207 -2.37 -12.22 12.83
CA ARG A 207 -1.09 -12.00 12.15
C ARG A 207 0.12 -12.23 13.04
N ASP A 208 1.13 -12.87 12.45
CA ASP A 208 2.33 -13.30 13.17
C ASP A 208 3.29 -12.14 13.26
N GLU A 209 3.62 -11.58 12.10
CA GLU A 209 4.74 -10.65 11.94
C GLU A 209 4.39 -9.26 11.38
N HIS A 210 3.15 -9.09 10.91
CA HIS A 210 2.79 -7.95 10.08
C HIS A 210 1.73 -7.08 10.74
N SER A 211 2.20 -6.06 11.45
CA SER A 211 1.36 -5.14 12.24
C SER A 211 0.85 -3.99 11.41
N ILE A 212 -0.28 -3.43 11.84
CA ILE A 212 -0.83 -2.20 11.27
C ILE A 212 -0.20 -1.01 11.98
N ARG A 213 -0.17 0.13 11.29
CA ARG A 213 0.36 1.39 11.82
C ARG A 213 -0.53 2.56 11.37
N VAL A 214 -1.45 2.95 12.24
CA VAL A 214 -2.48 3.95 11.91
C VAL A 214 -2.00 5.34 12.34
N GLU A 215 -1.63 6.19 11.38
CA GLU A 215 -1.06 7.51 11.65
C GLU A 215 -2.15 8.57 11.75
N PHE A 216 -2.08 9.39 12.81
CA PHE A 216 -3.14 10.38 13.14
C PHE A 216 -2.68 11.84 12.92
N PHE A 217 -3.65 12.68 12.53
CA PHE A 217 -3.50 14.13 12.53
C PHE A 217 -4.78 14.71 13.16
N GLY A 218 -4.72 15.01 14.45
CA GLY A 218 -5.90 15.37 15.24
C GLY A 218 -6.75 14.12 15.41
N ASP A 219 -8.00 14.19 14.96
CA ASP A 219 -8.91 13.03 14.93
C ASP A 219 -8.95 12.33 13.56
N GLU A 220 -8.23 12.84 12.57
CA GLU A 220 -8.19 12.25 11.22
C GLU A 220 -7.23 11.07 11.16
N ILE A 221 -7.30 10.33 10.06
CA ILE A 221 -6.34 9.30 9.74
C ILE A 221 -5.75 9.69 8.39
N GLU A 222 -4.51 10.19 8.39
CA GLU A 222 -3.83 10.55 7.15
C GLU A 222 -3.35 9.31 6.40
N ARG A 223 -2.89 8.29 7.13
CA ARG A 223 -2.47 7.03 6.50
C ARG A 223 -2.50 5.80 7.42
N ILE A 224 -2.45 4.63 6.77
CA ILE A 224 -2.44 3.31 7.40
C ILE A 224 -1.38 2.48 6.68
N ARG A 225 -0.72 1.58 7.40
CA ARG A 225 0.46 0.87 6.86
C ARG A 225 0.66 -0.52 7.45
N GLU A 226 0.73 -1.55 6.60
CA GLU A 226 1.22 -2.87 7.05
C GLU A 226 2.72 -2.67 7.34
N VAL A 227 3.24 -3.36 8.35
CA VAL A 227 4.58 -3.09 8.87
C VAL A 227 5.28 -4.37 9.30
N ASP A 228 6.46 -4.63 8.73
CA ASP A 228 7.26 -5.80 9.09
C ASP A 228 7.88 -5.62 10.49
N ALA A 229 7.40 -6.40 11.44
CA ALA A 229 7.86 -6.33 12.84
C ALA A 229 9.00 -7.32 13.18
N LEU A 230 9.62 -7.95 12.17
CA LEU A 230 10.85 -8.75 12.37
C LEU A 230 12.00 -7.80 12.71
N THR A 231 12.23 -6.85 11.81
CA THR A 231 13.23 -5.79 11.98
C THR A 231 12.58 -4.51 12.52
N GLY A 232 11.50 -4.06 11.87
CA GLY A 232 10.85 -2.79 12.20
C GLY A 232 10.51 -1.91 11.01
N GLU A 233 11.09 -2.20 9.85
CA GLU A 233 10.80 -1.46 8.61
C GLU A 233 9.32 -1.43 8.28
N VAL A 234 8.95 -0.47 7.44
CA VAL A 234 7.57 -0.27 7.02
C VAL A 234 7.33 -1.04 5.71
N LEU A 235 6.07 -1.39 5.45
CA LEU A 235 5.65 -2.07 4.22
C LEU A 235 4.57 -1.25 3.49
N GLY A 236 3.85 -1.87 2.56
CA GLY A 236 2.80 -1.22 1.77
C GLY A 236 1.71 -0.45 2.51
N GLU A 237 1.13 0.52 1.80
CA GLU A 237 0.23 1.51 2.38
C GLU A 237 -1.21 1.27 1.94
N ARG A 238 -2.02 0.69 2.82
CA ARG A 238 -3.44 0.41 2.52
C ARG A 238 -4.28 1.67 2.62
N GLU A 239 -5.46 1.64 2.00
CA GLU A 239 -6.48 2.71 2.18
C GLU A 239 -7.47 2.36 3.28
N HIS A 240 -7.76 1.06 3.47
CA HIS A 240 -8.54 0.59 4.62
C HIS A 240 -7.92 -0.63 5.31
N VAL A 241 -8.44 -0.94 6.49
CA VAL A 241 -8.10 -2.16 7.22
C VAL A 241 -9.21 -2.49 8.24
N ALA A 242 -9.47 -3.77 8.43
CA ALA A 242 -10.43 -4.27 9.44
C ALA A 242 -9.70 -4.99 10.57
N ILE A 243 -10.04 -4.61 11.80
CA ILE A 243 -9.44 -5.16 13.01
C ILE A 243 -10.49 -6.01 13.71
N PHE A 244 -10.31 -7.34 13.65
CA PHE A 244 -11.27 -8.29 14.21
C PHE A 244 -10.98 -8.56 15.68
N PRO A 245 -12.00 -9.03 16.44
CA PRO A 245 -11.79 -9.36 17.86
C PRO A 245 -10.74 -10.44 18.12
N ALA A 246 -9.98 -10.26 19.20
CA ALA A 246 -8.92 -11.20 19.57
C ALA A 246 -9.46 -12.42 20.35
N SER A 247 -10.78 -12.63 20.32
CA SER A 247 -11.42 -13.81 20.89
C SER A 247 -12.69 -14.12 20.10
N HIS A 248 -12.99 -15.41 19.96
CA HIS A 248 -14.23 -15.85 19.29
C HIS A 248 -15.43 -15.83 20.25
N PHE A 249 -15.21 -15.40 21.49
CA PHE A 249 -16.23 -15.35 22.53
C PHE A 249 -16.35 -13.95 23.11
N VAL A 250 -17.55 -13.37 23.00
CA VAL A 250 -17.91 -12.12 23.65
C VAL A 250 -18.68 -12.41 24.95
N CYS A 251 -18.33 -11.69 26.01
CA CYS A 251 -19.11 -11.66 27.25
C CYS A 251 -19.22 -10.20 27.64
N ARG A 252 -20.31 -9.55 27.21
CA ARG A 252 -20.60 -8.15 27.60
C ARG A 252 -21.54 -8.12 28.80
N GLU A 253 -21.31 -7.15 29.71
CA GLU A 253 -22.05 -7.05 30.97
C GLU A 253 -23.57 -6.92 30.82
N GLU A 254 -24.03 -6.25 29.75
CA GLU A 254 -25.46 -6.04 29.49
C GLU A 254 -26.31 -7.32 29.56
N LYS A 255 -25.78 -8.41 28.98
CA LYS A 255 -26.43 -9.73 29.04
C LYS A 255 -26.09 -10.50 30.31
N MET A 256 -24.88 -10.29 30.84
CA MET A 256 -24.38 -11.05 31.99
C MET A 256 -25.19 -10.90 33.29
N ARG A 257 -25.86 -9.76 33.47
CA ARG A 257 -26.55 -9.47 34.74
C ARG A 257 -27.77 -10.39 34.88
N LEU A 258 -28.56 -10.48 33.81
CA LEU A 258 -29.70 -11.40 33.76
C LEU A 258 -29.25 -12.87 33.72
N ALA A 259 -28.13 -13.14 33.04
CA ALA A 259 -27.58 -14.51 32.96
C ALA A 259 -27.25 -15.06 34.34
N ILE A 260 -26.72 -14.21 35.21
CA ILE A 260 -26.38 -14.60 36.58
C ILE A 260 -27.61 -15.07 37.34
N GLN A 261 -28.70 -14.30 37.31
CA GLN A 261 -29.92 -14.69 38.02
C GLN A 261 -30.59 -15.94 37.40
N ASN A 262 -30.38 -16.17 36.12
CA ASN A 262 -30.78 -17.43 35.47
C ASN A 262 -29.96 -18.63 35.93
N ILE A 263 -28.64 -18.43 36.08
CA ILE A 263 -27.77 -19.47 36.65
C ILE A 263 -28.13 -19.69 38.12
N GLU A 264 -28.31 -18.58 38.84
CA GLU A 264 -28.74 -18.58 40.26
C GLU A 264 -29.99 -19.45 40.42
N GLN A 265 -30.99 -19.26 39.55
CA GLN A 265 -32.27 -19.95 39.70
C GLN A 265 -32.27 -21.40 39.14
N GLU A 266 -31.35 -21.71 38.23
CA GLU A 266 -31.14 -23.12 37.81
C GLU A 266 -30.49 -23.88 38.94
N LEU A 267 -29.55 -23.24 39.64
CA LEU A 267 -28.86 -23.86 40.78
C LEU A 267 -29.83 -24.23 41.90
N GLU A 268 -30.67 -23.28 42.34
CA GLU A 268 -31.70 -23.54 43.37
C GLU A 268 -32.47 -24.82 43.09
N GLU A 269 -33.01 -24.88 41.88
CA GLU A 269 -33.87 -25.98 41.45
C GLU A 269 -33.14 -27.32 41.47
N ARG A 270 -31.93 -27.31 40.91
CA ARG A 270 -31.08 -28.50 40.89
C ARG A 270 -30.69 -28.95 42.31
N LEU A 271 -30.42 -28.00 43.20
CA LEU A 271 -30.05 -28.31 44.59
C LEU A 271 -31.21 -28.95 45.33
N ALA A 272 -32.39 -28.35 45.18
CA ALA A 272 -33.64 -28.94 45.68
C ALA A 272 -33.85 -30.36 45.15
N GLU A 273 -33.54 -30.57 43.87
CA GLU A 273 -33.67 -31.87 43.20
C GLU A 273 -32.75 -32.90 43.85
N LEU A 274 -31.48 -32.51 44.01
CA LEU A 274 -30.45 -33.41 44.54
C LEU A 274 -30.68 -33.70 46.02
N ARG A 275 -30.93 -32.65 46.79
CA ARG A 275 -31.22 -32.78 48.21
C ARG A 275 -32.44 -33.64 48.49
N ALA A 276 -33.46 -33.52 47.65
CA ALA A 276 -34.65 -34.37 47.74
C ALA A 276 -34.30 -35.85 47.54
N GLN A 277 -33.41 -36.13 46.59
CA GLN A 277 -33.03 -37.52 46.28
C GLN A 277 -31.96 -38.12 47.20
N GLY A 278 -31.62 -37.44 48.29
CA GLY A 278 -30.60 -37.95 49.21
C GLY A 278 -29.19 -37.90 48.66
N LYS A 279 -28.96 -37.01 47.69
CA LYS A 279 -27.66 -36.80 47.10
C LYS A 279 -27.12 -35.51 47.73
N LEU A 280 -26.79 -35.60 49.01
CA LEU A 280 -26.45 -34.40 49.82
C LEU A 280 -25.02 -33.92 49.57
N LEU A 281 -24.11 -34.88 49.40
CA LEU A 281 -22.74 -34.62 48.98
C LEU A 281 -22.68 -33.92 47.63
N GLU A 282 -23.44 -34.45 46.67
CA GLU A 282 -23.52 -33.91 45.32
C GLU A 282 -23.96 -32.43 45.29
N ALA A 283 -24.90 -32.07 46.16
CA ALA A 283 -25.44 -30.70 46.18
C ALA A 283 -24.45 -29.75 46.82
N GLN A 284 -23.84 -30.21 47.91
CA GLN A 284 -22.77 -29.50 48.59
C GLN A 284 -21.65 -29.17 47.59
N ARG A 285 -21.24 -30.18 46.80
CA ARG A 285 -20.33 -29.97 45.66
C ARG A 285 -20.84 -28.88 44.75
N LEU A 286 -22.04 -29.06 44.24
CA LEU A 286 -22.60 -28.16 43.23
C LEU A 286 -22.70 -26.72 43.72
N GLU A 287 -23.09 -26.54 44.98
CA GLU A 287 -23.21 -25.21 45.57
C GLU A 287 -21.84 -24.53 45.71
N GLN A 288 -20.86 -25.26 46.28
CA GLN A 288 -19.52 -24.74 46.51
C GLN A 288 -18.85 -24.23 45.22
N ARG A 289 -18.93 -25.00 44.14
CA ARG A 289 -18.35 -24.58 42.85
C ARG A 289 -19.16 -23.46 42.20
N THR A 290 -20.47 -23.64 42.12
CA THR A 290 -21.32 -22.69 41.41
C THR A 290 -21.30 -21.31 42.07
N ARG A 291 -21.40 -21.24 43.40
CA ARG A 291 -21.34 -19.94 44.10
C ARG A 291 -19.97 -19.26 44.04
N TYR A 292 -18.90 -20.05 44.03
CA TYR A 292 -17.55 -19.51 43.88
C TYR A 292 -17.38 -18.90 42.49
N ASP A 293 -17.74 -19.66 41.47
CA ASP A 293 -17.72 -19.21 40.08
C ASP A 293 -18.58 -17.97 39.88
N LEU A 294 -19.76 -17.92 40.51
CA LEU A 294 -20.66 -16.76 40.40
C LEU A 294 -20.12 -15.51 41.08
N GLU A 295 -19.38 -15.66 42.18
CA GLU A 295 -18.70 -14.52 42.80
C GLU A 295 -17.62 -14.00 41.85
N MET A 296 -16.75 -14.87 41.37
CA MET A 296 -15.76 -14.51 40.33
C MET A 296 -16.40 -13.79 39.14
N MET A 297 -17.54 -14.30 38.69
CA MET A 297 -18.32 -13.64 37.63
C MET A 297 -18.81 -12.22 38.00
N ARG A 298 -18.98 -11.92 39.30
CA ARG A 298 -19.32 -10.56 39.76
C ARG A 298 -18.09 -9.70 40.10
N GLU A 299 -17.06 -10.28 40.70
CA GLU A 299 -15.85 -9.53 41.09
C GLU A 299 -14.83 -9.38 39.93
N MET A 300 -15.15 -9.95 38.77
CA MET A 300 -14.31 -9.94 37.56
C MET A 300 -15.24 -10.16 36.36
N GLY A 301 -14.72 -10.06 35.15
CA GLY A 301 -15.46 -10.51 33.97
C GLY A 301 -15.57 -12.04 33.90
N PHE A 302 -14.43 -12.70 34.11
CA PHE A 302 -14.28 -14.15 33.95
C PHE A 302 -14.72 -14.94 35.18
N SER A 303 -14.66 -16.26 35.01
CA SER A 303 -14.47 -17.20 36.11
C SER A 303 -13.75 -18.41 35.53
N SER A 304 -13.39 -19.35 36.41
CA SER A 304 -12.84 -20.64 35.97
C SER A 304 -13.96 -21.46 35.36
N GLY A 305 -13.62 -22.24 34.35
CA GLY A 305 -14.58 -23.14 33.68
C GLY A 305 -15.79 -22.43 33.10
N ILE A 306 -15.58 -21.17 32.67
CA ILE A 306 -16.65 -20.28 32.17
C ILE A 306 -17.46 -20.86 31.00
N GLU A 307 -16.78 -21.67 30.19
CA GLU A 307 -17.41 -22.41 29.11
C GLU A 307 -18.60 -23.28 29.55
N ASN A 308 -18.64 -23.70 30.81
CA ASN A 308 -19.79 -24.47 31.31
C ASN A 308 -21.09 -23.67 31.41
N TYR A 309 -20.97 -22.35 31.49
CA TYR A 309 -22.11 -21.45 31.51
C TYR A 309 -22.38 -20.78 30.13
N SER A 310 -21.82 -21.33 29.06
CA SER A 310 -21.99 -20.83 27.67
C SER A 310 -23.40 -20.39 27.32
N ARG A 311 -24.35 -21.30 27.48
CA ARG A 311 -25.71 -21.09 27.03
C ARG A 311 -26.42 -20.00 27.84
N HIS A 312 -26.25 -20.01 29.17
CA HIS A 312 -26.83 -18.96 30.02
C HIS A 312 -26.26 -17.57 29.67
N LEU A 313 -24.94 -17.49 29.56
CA LEU A 313 -24.24 -16.22 29.31
C LEU A 313 -24.58 -15.61 27.96
N ALA A 314 -24.99 -16.46 27.01
CA ALA A 314 -25.51 -16.02 25.71
C ALA A 314 -27.03 -15.74 25.69
N LEU A 315 -27.73 -16.02 26.80
CA LEU A 315 -29.19 -15.92 26.90
C LEU A 315 -29.99 -16.71 25.84
N ARG A 316 -29.41 -17.79 25.34
CA ARG A 316 -30.09 -18.60 24.31
C ARG A 316 -30.82 -19.71 25.07
N PRO A 317 -31.90 -20.26 24.49
CA PRO A 317 -32.76 -21.18 25.25
C PRO A 317 -32.13 -22.53 25.58
N PRO A 318 -32.70 -23.25 26.56
CA PRO A 318 -32.28 -24.64 26.76
C PRO A 318 -32.36 -25.46 25.48
N GLY A 319 -31.47 -26.44 25.35
CA GLY A 319 -31.42 -27.29 24.17
C GLY A 319 -30.80 -26.72 22.90
N SER A 320 -30.35 -25.46 22.93
CA SER A 320 -29.90 -24.75 21.72
C SER A 320 -28.71 -25.39 21.04
N THR A 321 -28.76 -25.40 19.71
CA THR A 321 -27.64 -25.81 18.87
C THR A 321 -26.58 -24.72 18.91
N PRO A 322 -25.32 -25.07 19.27
CA PRO A 322 -24.27 -24.06 19.32
C PRO A 322 -23.86 -23.46 17.95
N TYR A 323 -23.36 -22.23 18.00
CA TYR A 323 -22.70 -21.63 16.84
C TYR A 323 -21.33 -22.28 16.67
N THR A 324 -20.92 -22.47 15.42
CA THR A 324 -19.71 -23.18 15.04
C THR A 324 -19.04 -22.49 13.85
N LEU A 325 -17.86 -22.98 13.49
CA LEU A 325 -17.17 -22.53 12.29
C LEU A 325 -18.05 -22.59 11.06
N LEU A 326 -18.84 -23.65 10.91
CA LEU A 326 -19.72 -23.80 9.75
C LEU A 326 -20.64 -22.62 9.58
N ASP A 327 -21.13 -22.08 10.70
CA ASP A 327 -22.00 -20.90 10.68
C ASP A 327 -21.30 -19.64 10.20
N TYR A 328 -19.99 -19.56 10.37
CA TYR A 328 -19.18 -18.44 9.88
C TYR A 328 -19.04 -18.43 8.34
N PHE A 329 -19.22 -19.59 7.68
CA PHE A 329 -19.23 -19.66 6.21
C PHE A 329 -20.50 -19.04 5.61
N PRO A 330 -20.43 -18.55 4.36
CA PRO A 330 -21.65 -18.19 3.63
C PRO A 330 -22.54 -19.40 3.38
N ASP A 331 -23.80 -19.15 3.05
CA ASP A 331 -24.79 -20.22 2.91
C ASP A 331 -24.56 -21.13 1.73
N ASP A 332 -23.87 -20.65 0.70
CA ASP A 332 -23.55 -21.49 -0.47
C ASP A 332 -22.14 -22.08 -0.47
N PHE A 333 -21.55 -22.22 0.73
CA PHE A 333 -20.24 -22.87 0.90
C PHE A 333 -20.19 -24.35 0.44
N LEU A 334 -18.99 -24.92 0.46
CA LEU A 334 -18.72 -26.29 0.03
C LEU A 334 -17.93 -26.99 1.12
N ILE A 335 -18.19 -28.28 1.35
CA ILE A 335 -17.39 -29.08 2.29
C ILE A 335 -16.76 -30.26 1.57
N ILE A 336 -15.46 -30.44 1.77
CA ILE A 336 -14.75 -31.66 1.40
C ILE A 336 -14.50 -32.43 2.70
N VAL A 337 -14.87 -33.71 2.75
CA VAL A 337 -14.51 -34.59 3.88
C VAL A 337 -13.42 -35.57 3.44
N ASP A 338 -12.19 -35.33 3.90
CA ASP A 338 -11.04 -36.18 3.57
C ASP A 338 -11.15 -37.46 4.39
N GLU A 339 -10.89 -38.60 3.74
CA GLU A 339 -10.98 -39.91 4.38
C GLU A 339 -12.32 -40.14 5.11
N SER A 340 -13.40 -39.89 4.37
CA SER A 340 -14.75 -39.84 4.93
C SER A 340 -15.14 -41.08 5.76
N HIS A 341 -14.71 -42.26 5.30
CA HIS A 341 -14.96 -43.52 6.04
C HIS A 341 -14.42 -43.58 7.47
N VAL A 342 -13.43 -42.74 7.79
CA VAL A 342 -12.92 -42.63 9.15
C VAL A 342 -13.35 -41.32 9.78
N THR A 343 -13.35 -40.23 9.01
CA THR A 343 -13.63 -38.89 9.52
C THR A 343 -15.08 -38.67 9.95
N LEU A 344 -16.05 -39.19 9.18
CA LEU A 344 -17.46 -39.06 9.56
C LEU A 344 -17.81 -39.82 10.86
N PRO A 345 -17.37 -41.08 11.02
CA PRO A 345 -17.59 -41.72 12.34
C PRO A 345 -16.99 -40.96 13.54
N GLN A 346 -15.83 -40.33 13.33
CA GLN A 346 -15.18 -39.51 14.35
C GLN A 346 -16.08 -38.32 14.70
N LEU A 347 -16.55 -37.64 13.68
CA LEU A 347 -17.46 -36.50 13.82
C LEU A 347 -18.73 -36.88 14.60
N ARG A 348 -19.30 -38.03 14.24
CA ARG A 348 -20.48 -38.57 14.90
C ARG A 348 -20.23 -38.70 16.40
N GLY A 349 -19.09 -39.27 16.75
CA GLY A 349 -18.76 -39.59 18.12
C GLY A 349 -18.27 -38.47 18.99
N MET A 350 -17.95 -37.30 18.42
CA MET A 350 -17.50 -36.17 19.22
C MET A 350 -18.58 -35.80 20.20
N TYR A 351 -19.81 -35.69 19.72
CA TYR A 351 -20.96 -35.44 20.59
C TYR A 351 -21.14 -36.50 21.67
N ASN A 352 -20.99 -37.76 21.31
CA ASN A 352 -21.29 -38.87 22.22
C ASN A 352 -20.40 -38.89 23.44
N GLY A 353 -19.09 -38.83 23.21
CA GLY A 353 -18.09 -38.81 24.30
C GLY A 353 -18.21 -37.58 25.19
N ASP A 354 -18.50 -36.43 24.58
CA ASP A 354 -18.67 -35.18 25.32
C ASP A 354 -19.91 -35.21 26.22
N ARG A 355 -21.02 -35.68 25.66
CA ARG A 355 -22.25 -35.89 26.39
C ARG A 355 -22.02 -36.84 27.55
N ALA A 356 -21.41 -37.99 27.27
CA ALA A 356 -21.16 -39.02 28.29
C ALA A 356 -20.44 -38.41 29.48
N ARG A 357 -19.31 -37.78 29.19
CA ARG A 357 -18.46 -37.16 30.20
C ARG A 357 -19.22 -36.12 31.02
N LYS A 358 -19.97 -35.25 30.33
CA LYS A 358 -20.67 -34.19 31.04
C LYS A 358 -21.85 -34.65 31.90
N GLN A 359 -22.59 -35.66 31.43
CA GLN A 359 -23.70 -36.22 32.20
C GLN A 359 -23.25 -36.79 33.53
N VAL A 360 -22.08 -37.42 33.59
CA VAL A 360 -21.59 -37.92 34.88
C VAL A 360 -21.16 -36.76 35.76
N LEU A 361 -20.60 -35.70 35.21
CA LEU A 361 -20.30 -34.53 36.03
C LEU A 361 -21.61 -34.03 36.63
N VAL A 362 -22.66 -33.96 35.83
CA VAL A 362 -23.94 -33.47 36.30
C VAL A 362 -24.63 -34.43 37.29
N ASP A 363 -24.50 -35.74 37.05
CA ASP A 363 -25.06 -36.74 37.95
C ASP A 363 -24.43 -36.74 39.34
N HIS A 364 -23.17 -36.31 39.43
CA HIS A 364 -22.47 -36.27 40.69
C HIS A 364 -22.29 -34.83 41.21
N GLY A 365 -23.00 -33.90 40.61
CA GLY A 365 -23.10 -32.54 41.13
C GLY A 365 -21.87 -31.68 40.96
N PHE A 366 -21.02 -32.03 40.01
CA PHE A 366 -19.89 -31.16 39.66
C PHE A 366 -20.35 -29.97 38.81
N ARG A 367 -21.39 -30.17 38.00
CA ARG A 367 -21.92 -29.13 37.12
C ARG A 367 -23.45 -29.18 37.00
N LEU A 368 -24.03 -28.08 36.54
CA LEU A 368 -25.47 -27.98 36.35
C LEU A 368 -25.87 -28.71 35.07
N PRO A 369 -27.15 -29.10 34.94
CA PRO A 369 -27.62 -29.67 33.67
C PRO A 369 -27.43 -28.77 32.44
N SER A 370 -27.44 -27.46 32.62
CA SER A 370 -27.22 -26.54 31.50
C SER A 370 -25.81 -26.63 30.92
N ALA A 371 -24.88 -27.25 31.64
CA ALA A 371 -23.54 -27.56 31.09
C ALA A 371 -23.54 -28.53 29.89
N LEU A 372 -24.62 -29.29 29.72
CA LEU A 372 -24.78 -30.16 28.54
C LEU A 372 -24.95 -29.36 27.24
N ASP A 373 -25.49 -28.14 27.33
CA ASP A 373 -25.65 -27.28 26.16
C ASP A 373 -24.33 -26.67 25.66
N ASN A 374 -23.25 -26.77 26.44
CA ASN A 374 -21.90 -26.47 25.97
C ASN A 374 -21.25 -27.75 25.43
N ARG A 375 -21.27 -27.87 24.10
CA ARG A 375 -21.04 -29.14 23.43
C ARG A 375 -20.67 -28.89 21.97
N PRO A 376 -20.25 -29.94 21.25
CA PRO A 376 -20.22 -29.89 19.81
C PRO A 376 -21.60 -30.21 19.21
N LEU A 377 -21.69 -30.09 17.89
CA LEU A 377 -22.88 -30.49 17.15
C LEU A 377 -23.06 -32.00 17.26
N THR A 378 -24.32 -32.42 17.23
CA THR A 378 -24.66 -33.82 16.96
C THR A 378 -24.45 -34.03 15.47
N PHE A 379 -24.34 -35.28 15.03
CA PHE A 379 -24.22 -35.55 13.61
C PHE A 379 -25.40 -35.03 12.79
N GLU A 380 -26.60 -35.09 13.39
CA GLU A 380 -27.82 -34.61 12.71
C GLU A 380 -27.73 -33.11 12.49
N GLU A 381 -27.25 -32.37 13.47
CA GLU A 381 -27.03 -30.92 13.33
C GLU A 381 -25.95 -30.56 12.30
N PHE A 382 -24.96 -31.44 12.12
CA PHE A 382 -23.97 -31.30 11.05
C PHE A 382 -24.65 -31.49 9.69
N GLU A 383 -25.41 -32.57 9.54
CA GLU A 383 -26.25 -32.80 8.36
C GLU A 383 -27.09 -31.59 7.95
N GLN A 384 -27.81 -31.00 8.89
CA GLN A 384 -28.68 -29.88 8.57
C GLN A 384 -27.92 -28.60 8.15
N LYS A 385 -26.63 -28.52 8.45
CA LYS A 385 -25.79 -27.37 8.08
C LYS A 385 -25.00 -27.54 6.78
N ILE A 386 -24.98 -28.75 6.23
CA ILE A 386 -24.35 -29.01 4.94
C ILE A 386 -25.12 -28.23 3.86
N ASN A 387 -24.38 -27.48 3.04
CA ASN A 387 -24.95 -26.94 1.81
C ASN A 387 -24.76 -27.99 0.72
N GLN A 388 -23.52 -28.15 0.24
CA GLN A 388 -23.11 -29.29 -0.59
C GLN A 388 -21.80 -29.83 -0.05
N ILE A 389 -21.60 -31.14 -0.23
CA ILE A 389 -20.49 -31.85 0.39
C ILE A 389 -19.91 -32.90 -0.56
N ILE A 390 -18.59 -33.07 -0.55
CA ILE A 390 -17.92 -34.13 -1.31
C ILE A 390 -17.11 -35.03 -0.37
N TYR A 391 -17.43 -36.33 -0.38
CA TYR A 391 -16.72 -37.31 0.44
C TYR A 391 -15.62 -37.95 -0.40
N VAL A 392 -14.37 -37.82 0.07
CA VAL A 392 -13.21 -38.41 -0.60
C VAL A 392 -12.70 -39.58 0.21
N SER A 393 -12.53 -40.73 -0.45
CA SER A 393 -11.96 -41.93 0.17
C SER A 393 -11.78 -43.02 -0.87
N ALA A 394 -10.73 -43.82 -0.68
CA ALA A 394 -10.51 -45.05 -1.44
C ALA A 394 -11.47 -46.15 -1.01
N THR A 395 -12.00 -46.06 0.21
CA THR A 395 -12.92 -47.04 0.76
C THR A 395 -14.11 -46.36 1.43
N PRO A 396 -14.99 -45.69 0.63
CA PRO A 396 -16.07 -44.92 1.25
C PRO A 396 -17.04 -45.77 2.06
N GLY A 397 -17.39 -45.30 3.25
CA GLY A 397 -18.30 -46.01 4.13
C GLY A 397 -19.77 -45.91 3.77
N PRO A 398 -20.64 -46.64 4.50
CA PRO A 398 -22.08 -46.76 4.19
C PRO A 398 -22.82 -45.43 4.05
N TYR A 399 -22.59 -44.50 4.98
CA TYR A 399 -23.26 -43.20 4.93
C TYR A 399 -23.01 -42.48 3.60
N GLU A 400 -21.77 -42.49 3.14
CA GLU A 400 -21.41 -41.75 1.93
C GLU A 400 -22.08 -42.35 0.71
N LEU A 401 -22.10 -43.68 0.62
CA LEU A 401 -22.67 -44.37 -0.54
C LEU A 401 -24.19 -44.23 -0.58
N GLU A 402 -24.80 -44.30 0.60
CA GLU A 402 -26.24 -44.23 0.73
C GLU A 402 -26.81 -42.86 0.39
N HIS A 403 -26.03 -41.80 0.59
CA HIS A 403 -26.49 -40.42 0.34
C HIS A 403 -26.01 -39.84 -0.98
N SER A 404 -25.14 -40.55 -1.69
CA SER A 404 -24.55 -40.04 -2.92
C SER A 404 -25.15 -40.79 -4.09
N PRO A 405 -25.32 -40.11 -5.24
CA PRO A 405 -25.87 -40.75 -6.42
C PRO A 405 -24.80 -41.54 -7.16
N GLY A 406 -24.47 -42.72 -6.65
CA GLY A 406 -23.33 -43.48 -7.13
C GLY A 406 -22.04 -42.78 -6.72
N VAL A 407 -20.96 -43.08 -7.41
CA VAL A 407 -19.64 -42.54 -7.04
C VAL A 407 -18.90 -42.02 -8.26
N VAL A 408 -18.11 -40.98 -8.07
CA VAL A 408 -17.14 -40.55 -9.07
C VAL A 408 -15.88 -41.39 -8.82
N GLU A 409 -15.54 -42.26 -9.76
CA GLU A 409 -14.41 -43.17 -9.62
C GLU A 409 -13.16 -42.59 -10.26
N GLN A 410 -12.03 -42.69 -9.55
CA GLN A 410 -10.76 -42.12 -10.00
C GLN A 410 -9.62 -43.04 -9.61
N ILE A 411 -9.30 -43.99 -10.48
CA ILE A 411 -8.30 -45.03 -10.18
C ILE A 411 -6.99 -44.96 -10.96
N ILE A 412 -7.01 -44.34 -12.15
CA ILE A 412 -5.83 -44.23 -13.00
C ILE A 412 -4.86 -43.16 -12.50
N ARG A 413 -3.70 -43.63 -12.04
CA ARG A 413 -2.68 -42.77 -11.44
C ARG A 413 -1.84 -42.14 -12.54
N PRO A 414 -1.62 -40.81 -12.50
CA PRO A 414 -0.72 -40.16 -13.45
C PRO A 414 0.66 -40.82 -13.63
N THR A 415 1.13 -41.53 -12.61
CA THR A 415 2.41 -42.24 -12.70
C THR A 415 2.34 -43.68 -13.27
N GLY A 416 1.14 -44.15 -13.58
CA GLY A 416 0.95 -45.48 -14.17
C GLY A 416 1.17 -46.68 -13.27
N LEU A 417 1.17 -46.48 -11.95
CA LEU A 417 1.42 -47.59 -11.02
C LEU A 417 0.14 -48.38 -10.84
N LEU A 418 0.28 -49.68 -10.69
CA LEU A 418 -0.85 -50.58 -10.62
C LEU A 418 -1.19 -50.92 -9.18
N ASP A 419 -2.47 -51.08 -8.89
CA ASP A 419 -2.89 -51.82 -7.71
C ASP A 419 -2.14 -53.16 -7.79
N PRO A 420 -1.53 -53.58 -6.68
CA PRO A 420 -0.66 -54.75 -6.71
C PRO A 420 -1.41 -56.04 -6.92
N THR A 421 -0.65 -57.11 -7.15
CA THR A 421 -1.21 -58.46 -7.20
C THR A 421 -1.35 -58.99 -5.77
N ILE A 422 -2.25 -59.96 -5.60
CA ILE A 422 -2.50 -60.57 -4.29
C ILE A 422 -2.41 -62.08 -4.41
N ASP A 423 -1.62 -62.69 -3.51
CA ASP A 423 -1.58 -64.16 -3.32
C ASP A 423 -2.17 -64.49 -1.96
N VAL A 424 -2.86 -65.61 -1.88
CA VAL A 424 -3.42 -66.10 -0.63
C VAL A 424 -2.76 -67.45 -0.37
N ARG A 425 -2.11 -67.59 0.78
CA ARG A 425 -1.31 -68.77 1.11
C ARG A 425 -1.78 -69.35 2.44
N PRO A 426 -1.51 -70.66 2.71
CA PRO A 426 -1.99 -71.25 3.96
C PRO A 426 -1.17 -70.81 5.18
N THR A 427 -1.76 -70.97 6.36
CA THR A 427 -1.10 -70.66 7.63
C THR A 427 0.00 -71.67 7.98
N LYS A 428 -0.07 -72.86 7.39
CA LYS A 428 0.92 -73.91 7.56
C LYS A 428 2.29 -73.47 7.04
N GLY A 429 3.23 -73.21 7.96
CA GLY A 429 4.58 -72.76 7.61
C GLY A 429 4.67 -71.33 7.11
N GLN A 430 3.80 -70.46 7.63
CA GLN A 430 3.65 -69.10 7.10
C GLN A 430 4.81 -68.15 7.44
N ILE A 431 5.35 -68.26 8.65
CA ILE A 431 6.46 -67.40 9.09
C ILE A 431 7.73 -67.68 8.28
N ASP A 432 7.95 -68.93 7.89
CA ASP A 432 9.09 -69.29 7.04
C ASP A 432 8.91 -68.83 5.61
N ASP A 433 7.71 -69.01 5.08
CA ASP A 433 7.36 -68.50 3.76
C ASP A 433 7.59 -66.99 3.65
N LEU A 434 7.12 -66.26 4.66
CA LEU A 434 7.32 -64.82 4.77
C LEU A 434 8.81 -64.43 4.87
N ILE A 435 9.54 -65.12 5.77
CA ILE A 435 10.97 -64.86 6.01
C ILE A 435 11.74 -64.95 4.69
N GLY A 436 11.53 -66.04 3.95
CA GLY A 436 12.18 -66.23 2.64
C GLY A 436 11.77 -65.18 1.62
N GLU A 437 10.49 -64.82 1.64
CA GLU A 437 9.95 -63.78 0.77
C GLU A 437 10.50 -62.38 1.12
N ILE A 438 10.77 -62.13 2.40
CA ILE A 438 11.47 -60.90 2.83
C ILE A 438 12.91 -60.89 2.33
N ARG A 439 13.59 -62.03 2.39
CA ARG A 439 14.99 -62.11 1.97
C ARG A 439 15.18 -61.75 0.50
N GLU A 440 14.27 -62.21 -0.37
CA GLU A 440 14.27 -61.82 -1.79
C GLU A 440 14.09 -60.31 -1.99
N ARG A 441 13.28 -59.69 -1.13
CA ARG A 441 13.11 -58.24 -1.15
C ARG A 441 14.35 -57.51 -0.68
N VAL A 442 15.04 -58.04 0.31
CA VAL A 442 16.29 -57.44 0.78
C VAL A 442 17.34 -57.54 -0.33
N GLU A 443 17.29 -58.58 -1.15
CA GLU A 443 18.10 -58.66 -2.38
C GLU A 443 17.84 -57.50 -3.34
N ARG A 444 16.56 -57.17 -3.57
CA ARG A 444 16.18 -56.07 -4.48
C ARG A 444 16.20 -54.66 -3.85
N ASN A 445 16.62 -54.55 -2.58
CA ASN A 445 16.64 -53.27 -1.85
C ASN A 445 15.23 -52.71 -1.64
N GLU A 446 14.29 -53.61 -1.40
CA GLU A 446 12.87 -53.27 -1.30
C GLU A 446 12.40 -53.63 0.10
N ARG A 447 11.55 -52.78 0.66
CA ARG A 447 11.07 -52.90 2.02
C ARG A 447 9.77 -53.69 2.08
N THR A 448 9.39 -54.08 3.28
CA THR A 448 8.26 -54.95 3.52
C THR A 448 7.47 -54.42 4.70
N LEU A 449 6.14 -54.48 4.62
CA LEU A 449 5.26 -54.22 5.76
C LEU A 449 4.52 -55.49 6.09
N VAL A 450 4.45 -55.82 7.38
CA VAL A 450 3.71 -56.98 7.88
C VAL A 450 2.67 -56.49 8.87
N THR A 451 1.43 -56.97 8.77
CA THR A 451 0.38 -56.58 9.70
C THR A 451 -0.17 -57.75 10.49
N THR A 452 -0.18 -57.60 11.82
CA THR A 452 -0.75 -58.59 12.74
C THR A 452 -1.97 -57.97 13.42
N LEU A 453 -2.58 -58.73 14.32
CA LEU A 453 -3.81 -58.34 15.03
C LEU A 453 -3.57 -57.57 16.33
N THR A 454 -2.44 -57.79 16.98
CA THR A 454 -2.18 -57.21 18.30
C THR A 454 -0.80 -56.59 18.43
N LYS A 455 -0.65 -55.74 19.44
CA LYS A 455 0.65 -55.19 19.82
C LYS A 455 1.61 -56.27 20.32
N LYS A 456 1.06 -57.28 21.00
CA LYS A 456 1.83 -58.41 21.53
C LYS A 456 2.39 -59.28 20.40
N MET A 457 1.52 -59.63 19.44
CA MET A 457 1.94 -60.41 18.26
C MET A 457 2.95 -59.66 17.40
N ALA A 458 2.78 -58.35 17.27
CA ALA A 458 3.71 -57.52 16.51
C ALA A 458 5.08 -57.47 17.17
N GLU A 459 5.11 -57.42 18.51
CA GLU A 459 6.36 -57.45 19.27
C GLU A 459 7.05 -58.82 19.26
N ASP A 460 6.28 -59.90 19.36
CA ASP A 460 6.81 -61.26 19.29
C ASP A 460 7.39 -61.62 17.91
N LEU A 461 6.74 -61.20 16.82
CA LEU A 461 7.24 -61.43 15.46
C LEU A 461 8.49 -60.62 15.16
N THR A 462 8.56 -59.38 15.64
CA THR A 462 9.75 -58.54 15.51
C THR A 462 10.95 -59.26 16.13
N ASP A 463 10.76 -59.74 17.36
CA ASP A 463 11.79 -60.53 18.06
C ASP A 463 12.22 -61.76 17.28
N TYR A 464 11.24 -62.50 16.75
CA TYR A 464 11.50 -63.71 15.99
C TYR A 464 12.20 -63.44 14.66
N LEU A 465 11.81 -62.36 14.00
CA LEU A 465 12.50 -61.93 12.78
C LEU A 465 13.94 -61.45 13.05
N LYS A 466 14.19 -60.87 14.23
CA LYS A 466 15.56 -60.59 14.68
C LYS A 466 16.39 -61.89 14.82
N GLU A 467 15.80 -62.95 15.41
CA GLU A 467 16.43 -64.30 15.42
C GLU A 467 16.81 -64.82 14.02
N ALA A 468 15.94 -64.58 13.04
CA ALA A 468 16.22 -64.94 11.64
C ALA A 468 17.23 -64.02 10.94
N GLY A 469 17.71 -62.98 11.64
CA GLY A 469 18.71 -62.06 11.12
C GLY A 469 18.16 -61.01 10.16
N ILE A 470 16.88 -60.69 10.31
CA ILE A 470 16.23 -59.69 9.47
C ILE A 470 16.22 -58.38 10.23
N LYS A 471 16.49 -57.27 9.54
CA LYS A 471 16.43 -55.95 10.15
C LYS A 471 14.96 -55.50 10.19
N VAL A 472 14.48 -55.08 11.36
CA VAL A 472 13.05 -54.90 11.58
C VAL A 472 12.73 -54.08 12.84
N ALA A 473 11.59 -53.40 12.81
CA ALA A 473 11.05 -52.68 13.95
C ALA A 473 9.55 -52.92 14.03
N TYR A 474 8.97 -52.84 15.23
CA TYR A 474 7.51 -52.86 15.37
C TYR A 474 7.04 -51.41 15.43
N LEU A 475 5.84 -51.15 14.92
CA LEU A 475 5.24 -49.82 14.95
C LEU A 475 3.80 -49.89 15.44
N HIS A 476 3.58 -49.42 16.66
CA HIS A 476 2.23 -49.26 17.21
C HIS A 476 2.18 -48.04 18.14
N SER A 477 1.05 -47.83 18.80
CA SER A 477 0.74 -46.55 19.47
C SER A 477 1.37 -46.31 20.85
N GLU A 478 2.03 -47.31 21.45
CA GLU A 478 2.96 -47.05 22.56
C GLU A 478 4.11 -46.11 22.18
N ILE A 479 4.55 -46.19 20.93
CA ILE A 479 5.56 -45.30 20.39
C ILE A 479 4.93 -43.93 20.13
N LYS A 480 5.49 -42.87 20.72
CA LYS A 480 5.00 -41.50 20.52
C LYS A 480 5.24 -41.00 19.10
N THR A 481 4.47 -40.00 18.68
CA THR A 481 4.46 -39.47 17.31
C THR A 481 5.86 -39.14 16.78
N LEU A 482 6.64 -38.41 17.57
CA LEU A 482 8.00 -38.01 17.16
C LEU A 482 8.88 -39.21 16.79
N GLU A 483 8.87 -40.25 17.60
CA GLU A 483 9.68 -41.45 17.35
C GLU A 483 9.11 -42.34 16.21
N ARG A 484 7.81 -42.25 15.93
CA ARG A 484 7.23 -42.94 14.78
C ARG A 484 7.71 -42.35 13.46
N ILE A 485 7.69 -41.02 13.38
CA ILE A 485 8.26 -40.28 12.26
C ILE A 485 9.67 -40.81 11.98
N GLU A 486 10.46 -40.94 13.06
CA GLU A 486 11.84 -41.41 12.98
C GLU A 486 11.98 -42.88 12.56
N ILE A 487 11.11 -43.75 13.06
CA ILE A 487 11.12 -45.18 12.66
C ILE A 487 10.84 -45.31 11.16
N ILE A 488 9.80 -44.62 10.68
CA ILE A 488 9.42 -44.61 9.25
C ILE A 488 10.53 -43.97 8.42
N ARG A 489 11.06 -42.84 8.86
CA ARG A 489 12.23 -42.25 8.21
C ARG A 489 13.32 -43.31 8.07
N ASP A 490 13.64 -43.95 9.18
CA ASP A 490 14.72 -44.94 9.22
C ASP A 490 14.46 -46.20 8.36
N LEU A 491 13.20 -46.55 8.13
CA LEU A 491 12.83 -47.60 7.13
C LEU A 491 13.25 -47.23 5.71
N ARG A 492 12.97 -45.98 5.32
CA ARG A 492 13.28 -45.48 3.98
C ARG A 492 14.77 -45.37 3.72
N LEU A 493 15.51 -44.83 4.68
CA LEU A 493 16.98 -44.76 4.58
C LEU A 493 17.67 -46.14 4.56
N GLY A 494 17.04 -47.15 5.15
CA GLY A 494 17.52 -48.55 5.11
C GLY A 494 18.05 -49.15 6.40
N LYS A 495 17.61 -48.62 7.55
CA LYS A 495 17.93 -49.16 8.88
C LYS A 495 17.18 -50.46 9.07
N TYR A 496 15.93 -50.45 8.61
CA TYR A 496 15.05 -51.61 8.64
C TYR A 496 14.69 -51.98 7.21
N ASP A 497 14.55 -53.28 6.97
CA ASP A 497 13.94 -53.78 5.74
C ASP A 497 12.50 -54.25 5.97
N VAL A 498 12.05 -54.25 7.23
CA VAL A 498 10.70 -54.66 7.60
C VAL A 498 10.14 -53.77 8.72
N LEU A 499 8.83 -53.52 8.63
CA LEU A 499 8.05 -52.90 9.68
C LEU A 499 6.89 -53.84 10.01
N VAL A 500 6.67 -54.09 11.30
CA VAL A 500 5.53 -54.89 11.77
C VAL A 500 4.58 -53.96 12.50
N GLY A 501 3.32 -53.96 12.08
CA GLY A 501 2.30 -53.06 12.66
C GLY A 501 0.94 -53.71 12.81
N ILE A 502 -0.02 -52.92 13.28
CA ILE A 502 -1.40 -53.36 13.40
C ILE A 502 -2.31 -52.43 12.60
N ASN A 503 -2.42 -51.18 13.05
CA ASN A 503 -3.41 -50.25 12.52
C ASN A 503 -2.85 -48.86 12.15
N LEU A 504 -1.52 -48.73 12.08
CA LEU A 504 -0.87 -47.50 11.64
C LEU A 504 -0.27 -47.65 10.26
N LEU A 505 -0.56 -48.77 9.60
CA LEU A 505 -0.04 -49.05 8.27
C LEU A 505 -1.17 -49.02 7.26
N ARG A 506 -1.90 -47.91 7.22
CA ARG A 506 -2.83 -47.64 6.11
C ARG A 506 -2.89 -46.13 5.78
N GLU A 507 -3.91 -45.41 6.26
CA GLU A 507 -4.28 -44.12 5.65
C GLU A 507 -3.15 -43.13 5.78
N GLY A 508 -2.62 -42.66 4.64
CA GLY A 508 -1.58 -41.65 4.62
C GLY A 508 -0.24 -42.20 5.05
N LEU A 509 0.23 -43.20 4.30
CA LEU A 509 1.55 -43.76 4.46
C LEU A 509 2.11 -44.03 3.06
N ASP A 510 2.85 -43.06 2.54
CA ASP A 510 3.49 -43.17 1.22
C ASP A 510 4.92 -43.62 1.45
N ILE A 511 5.15 -44.92 1.31
CA ILE A 511 6.50 -45.47 1.35
C ILE A 511 6.75 -46.14 -0.01
N PRO A 512 7.32 -45.40 -0.97
CA PRO A 512 7.64 -45.93 -2.30
C PRO A 512 8.53 -47.17 -2.31
N GLU A 513 9.37 -47.30 -1.29
CA GLU A 513 10.33 -48.40 -1.19
C GLU A 513 9.67 -49.75 -0.82
N VAL A 514 8.46 -49.70 -0.25
CA VAL A 514 7.73 -50.91 0.09
C VAL A 514 7.23 -51.58 -1.18
N SER A 515 7.69 -52.81 -1.44
CA SER A 515 7.20 -53.61 -2.56
C SER A 515 6.38 -54.84 -2.14
N LEU A 516 6.38 -55.17 -0.84
CA LEU A 516 5.63 -56.30 -0.32
C LEU A 516 4.81 -55.87 0.90
N VAL A 517 3.56 -56.33 0.97
CA VAL A 517 2.71 -56.14 2.14
C VAL A 517 2.21 -57.50 2.56
N ALA A 518 2.44 -57.86 3.82
CA ALA A 518 2.09 -59.18 4.36
C ALA A 518 0.99 -59.04 5.40
N ILE A 519 -0.21 -59.49 5.06
CA ILE A 519 -1.33 -59.48 5.98
C ILE A 519 -1.40 -60.85 6.65
N LEU A 520 -1.09 -60.89 7.95
CA LEU A 520 -1.20 -62.11 8.77
C LEU A 520 -2.59 -62.18 9.41
N ASP A 521 -3.02 -63.40 9.71
CA ASP A 521 -4.37 -63.68 10.21
C ASP A 521 -5.44 -62.98 9.36
N ALA A 522 -5.31 -63.10 8.04
CA ALA A 522 -6.14 -62.33 7.10
C ALA A 522 -7.64 -62.63 7.14
N ASP A 523 -8.00 -63.80 7.68
CA ASP A 523 -9.38 -64.26 7.72
C ASP A 523 -10.07 -64.06 9.06
N LYS A 524 -9.35 -63.56 10.08
CA LYS A 524 -9.98 -63.35 11.39
C LYS A 524 -10.88 -62.13 11.30
N GLU A 525 -12.18 -62.37 11.27
CA GLU A 525 -13.15 -61.33 10.94
C GLU A 525 -13.16 -60.33 12.08
N GLY A 526 -13.31 -59.05 11.73
CA GLY A 526 -13.23 -57.95 12.69
C GLY A 526 -12.85 -56.67 11.98
N PHE A 527 -12.75 -55.57 12.72
CA PHE A 527 -12.41 -54.26 12.13
C PHE A 527 -11.10 -54.25 11.37
N LEU A 528 -10.08 -54.93 11.90
CA LEU A 528 -8.77 -54.99 11.26
C LEU A 528 -8.75 -55.78 9.95
N ARG A 529 -9.74 -56.63 9.72
CA ARG A 529 -9.82 -57.44 8.52
C ARG A 529 -11.16 -57.30 7.81
N SER A 530 -11.82 -56.17 8.06
CA SER A 530 -12.98 -55.78 7.27
C SER A 530 -12.54 -55.46 5.85
N GLU A 531 -13.51 -55.39 4.94
CA GLU A 531 -13.26 -55.04 3.53
C GLU A 531 -12.41 -53.77 3.35
N ARG A 532 -12.76 -52.71 4.08
CA ARG A 532 -12.16 -51.38 3.88
C ARG A 532 -10.73 -51.33 4.41
N SER A 533 -10.53 -51.77 5.65
CA SER A 533 -9.19 -51.82 6.23
C SER A 533 -8.25 -52.74 5.43
N LEU A 534 -8.82 -53.77 4.81
CA LEU A 534 -8.08 -54.67 3.92
C LEU A 534 -7.59 -53.94 2.67
N ILE A 535 -8.49 -53.24 2.00
CA ILE A 535 -8.17 -52.46 0.80
C ILE A 535 -7.19 -51.32 1.11
N GLN A 536 -7.32 -50.76 2.31
CA GLN A 536 -6.47 -49.66 2.73
C GLN A 536 -5.03 -50.14 3.02
N THR A 537 -4.91 -51.34 3.57
CA THR A 537 -3.61 -52.00 3.76
C THR A 537 -2.96 -52.40 2.41
N ILE A 538 -3.78 -52.88 1.48
CA ILE A 538 -3.34 -53.25 0.13
C ILE A 538 -2.69 -52.06 -0.60
N GLY A 539 -3.27 -50.87 -0.43
CA GLY A 539 -2.75 -49.65 -1.04
C GLY A 539 -1.35 -49.22 -0.65
N ARG A 540 -0.84 -49.74 0.48
CA ARG A 540 0.56 -49.52 0.84
C ARG A 540 1.54 -50.09 -0.19
N ALA A 541 1.11 -51.12 -0.92
CA ALA A 541 1.93 -51.73 -1.98
C ALA A 541 1.67 -51.16 -3.39
N ALA A 542 0.87 -50.10 -3.52
CA ALA A 542 0.56 -49.51 -4.82
C ALA A 542 1.39 -48.27 -5.14
N ARG A 543 2.45 -48.02 -4.39
CA ARG A 543 3.41 -46.96 -4.73
C ARG A 543 4.73 -47.46 -5.30
N ASN A 544 4.81 -48.76 -5.55
CA ASN A 544 6.01 -49.41 -6.06
C ASN A 544 5.62 -50.32 -7.23
N ALA A 545 6.38 -50.22 -8.32
CA ALA A 545 6.08 -50.94 -9.55
C ALA A 545 6.11 -52.46 -9.43
N ASN A 546 6.76 -53.01 -8.40
CA ASN A 546 6.69 -54.45 -8.11
C ASN A 546 5.85 -54.74 -6.86
N GLY A 547 4.78 -53.99 -6.66
CA GLY A 547 3.95 -54.14 -5.48
C GLY A 547 3.30 -55.51 -5.40
N HIS A 548 3.25 -56.09 -4.21
CA HIS A 548 2.64 -57.41 -4.03
C HIS A 548 2.03 -57.55 -2.64
N VAL A 549 0.98 -58.35 -2.54
CA VAL A 549 0.32 -58.62 -1.27
C VAL A 549 0.21 -60.12 -1.03
N ILE A 550 0.59 -60.55 0.17
CA ILE A 550 0.35 -61.92 0.63
C ILE A 550 -0.60 -61.84 1.81
N MET A 551 -1.76 -62.49 1.66
CA MET A 551 -2.72 -62.65 2.74
C MET A 551 -2.60 -64.09 3.24
N TYR A 552 -2.09 -64.30 4.44
CA TYR A 552 -2.02 -65.64 5.03
C TYR A 552 -3.35 -66.01 5.67
N ALA A 553 -3.99 -67.04 5.14
CA ALA A 553 -5.26 -67.55 5.69
C ALA A 553 -5.60 -68.94 5.13
N ASP A 554 -6.52 -69.62 5.81
CA ASP A 554 -6.95 -70.98 5.42
C ASP A 554 -8.30 -70.98 4.71
N THR A 555 -9.17 -70.04 5.07
CA THR A 555 -10.37 -69.72 4.30
C THR A 555 -10.16 -68.39 3.57
N ILE A 556 -11.14 -68.03 2.75
CA ILE A 556 -11.25 -66.71 2.15
C ILE A 556 -12.58 -66.16 2.63
N THR A 557 -12.54 -65.13 3.46
CA THR A 557 -13.75 -64.50 3.99
C THR A 557 -14.44 -63.68 2.90
N LYS A 558 -15.67 -63.30 3.16
CA LYS A 558 -16.41 -62.37 2.31
C LYS A 558 -15.63 -61.05 2.19
N SER A 559 -15.13 -60.55 3.32
CA SER A 559 -14.24 -59.38 3.36
C SER A 559 -13.01 -59.53 2.46
N MET A 560 -12.36 -60.67 2.52
CA MET A 560 -11.21 -60.94 1.65
C MET A 560 -11.55 -60.99 0.15
N GLU A 561 -12.74 -61.48 -0.18
CA GLU A 561 -13.13 -61.76 -1.56
C GLU A 561 -13.58 -60.50 -2.29
N ILE A 562 -14.15 -59.55 -1.57
CA ILE A 562 -14.48 -58.24 -2.11
C ILE A 562 -13.19 -57.44 -2.38
N ALA A 563 -12.25 -57.47 -1.45
CA ALA A 563 -10.98 -56.74 -1.58
C ALA A 563 -10.07 -57.31 -2.69
N ILE A 564 -9.97 -58.63 -2.77
CA ILE A 564 -9.28 -59.31 -3.88
C ILE A 564 -9.87 -58.91 -5.24
N GLN A 565 -11.20 -58.90 -5.34
CA GLN A 565 -11.91 -58.67 -6.60
C GLN A 565 -11.81 -57.21 -7.03
N GLU A 566 -12.01 -56.29 -6.10
CA GLU A 566 -11.92 -54.86 -6.40
C GLU A 566 -10.48 -54.41 -6.70
N THR A 567 -9.49 -55.06 -6.10
CA THR A 567 -8.08 -54.80 -6.43
C THR A 567 -7.78 -55.27 -7.85
N LYS A 568 -8.10 -56.53 -8.14
CA LYS A 568 -7.90 -57.11 -9.47
C LYS A 568 -8.53 -56.24 -10.56
N ARG A 569 -9.79 -55.89 -10.39
CA ARG A 569 -10.50 -55.04 -11.34
C ARG A 569 -9.78 -53.72 -11.59
N ARG A 570 -9.39 -53.04 -10.52
CA ARG A 570 -8.63 -51.81 -10.64
C ARG A 570 -7.32 -51.98 -11.41
N ARG A 571 -6.61 -53.07 -11.14
CA ARG A 571 -5.38 -53.37 -11.85
C ARG A 571 -5.66 -53.48 -13.35
N ALA A 572 -6.63 -54.31 -13.71
CA ALA A 572 -7.01 -54.57 -15.11
C ALA A 572 -7.32 -53.29 -15.89
N ILE A 573 -8.04 -52.36 -15.25
CA ILE A 573 -8.31 -51.07 -15.85
C ILE A 573 -7.02 -50.27 -16.02
N GLN A 574 -6.17 -50.28 -14.98
CA GLN A 574 -4.88 -49.59 -15.03
C GLN A 574 -3.91 -50.19 -16.06
N GLU A 575 -3.98 -51.50 -16.28
CA GLU A 575 -3.16 -52.17 -17.30
C GLU A 575 -3.53 -51.65 -18.68
N GLU A 576 -4.84 -51.62 -18.92
CA GLU A 576 -5.40 -51.22 -20.20
C GLU A 576 -5.05 -49.77 -20.54
N TYR A 577 -5.21 -48.86 -19.57
CA TYR A 577 -4.79 -47.46 -19.76
C TYR A 577 -3.29 -47.37 -20.07
N ASN A 578 -2.49 -48.11 -19.30
CA ASN A 578 -1.04 -48.16 -19.54
C ASN A 578 -0.67 -48.69 -20.92
N ARG A 579 -1.41 -49.70 -21.37
CA ARG A 579 -1.21 -50.28 -22.70
C ARG A 579 -1.52 -49.25 -23.79
N LYS A 580 -2.73 -48.68 -23.75
CA LYS A 580 -3.18 -47.65 -24.70
C LYS A 580 -2.22 -46.48 -24.89
N HIS A 581 -1.59 -46.04 -23.81
CA HIS A 581 -0.67 -44.89 -23.83
C HIS A 581 0.81 -45.25 -23.81
N GLY A 582 1.13 -46.55 -23.88
CA GLY A 582 2.50 -47.04 -23.83
C GLY A 582 3.24 -46.57 -22.59
N ILE A 583 2.61 -46.75 -21.43
CA ILE A 583 3.19 -46.36 -20.15
C ILE A 583 3.78 -47.61 -19.49
N VAL A 584 5.06 -47.52 -19.15
CA VAL A 584 5.71 -48.49 -18.27
C VAL A 584 5.69 -47.87 -16.87
N PRO A 585 5.06 -48.56 -15.88
CA PRO A 585 5.01 -48.05 -14.50
C PRO A 585 6.39 -47.67 -13.92
N ARG A 586 6.47 -46.51 -13.27
CA ARG A 586 7.69 -46.04 -12.63
C ARG A 586 7.42 -45.76 -11.16
N THR A 587 8.29 -46.28 -10.29
CA THR A 587 8.15 -46.12 -8.84
C THR A 587 8.33 -44.65 -8.43
N VAL A 588 7.65 -44.24 -7.37
CA VAL A 588 7.59 -42.84 -6.92
C VAL A 588 8.93 -42.38 -6.32
N LYS A 589 9.57 -41.39 -6.94
CA LYS A 589 10.68 -40.69 -6.29
C LYS A 589 10.10 -39.58 -5.40
N LYS A 590 10.16 -39.82 -4.08
CA LYS A 590 9.67 -38.88 -3.06
C LYS A 590 10.81 -38.54 -2.11
N GLU A 591 10.86 -37.28 -1.66
CA GLU A 591 11.94 -36.80 -0.79
C GLU A 591 11.79 -37.36 0.63
N ILE A 592 12.91 -37.68 1.26
CA ILE A 592 12.94 -38.04 2.69
C ILE A 592 12.95 -36.74 3.49
N ARG A 593 12.03 -36.64 4.47
CA ARG A 593 11.69 -35.39 5.19
C ARG A 593 10.97 -34.40 4.26
N VAL B 1 -12.27 16.22 -2.96
CA VAL B 1 -10.85 16.55 -2.64
C VAL B 1 -10.70 17.09 -1.20
N GLU B 2 -9.79 16.49 -0.42
CA GLU B 2 -9.51 16.92 0.96
C GLU B 2 -8.04 16.75 1.36
N GLY B 3 -7.60 17.63 2.25
CA GLY B 3 -6.25 17.59 2.83
C GLY B 3 -6.08 18.75 3.80
N ARG B 4 -5.03 18.68 4.62
CA ARG B 4 -4.71 19.76 5.57
C ARG B 4 -3.19 19.97 5.66
N PHE B 5 -2.80 21.25 5.78
CA PHE B 5 -1.39 21.61 5.88
C PHE B 5 -0.84 21.31 7.27
N GLN B 6 0.38 20.78 7.30
CA GLN B 6 1.06 20.39 8.53
C GLN B 6 2.39 21.10 8.59
N LEU B 7 2.41 22.25 9.25
CA LEU B 7 3.61 23.08 9.33
C LEU B 7 4.62 22.42 10.24
N VAL B 8 5.83 22.16 9.72
CA VAL B 8 6.88 21.46 10.46
C VAL B 8 8.14 22.32 10.51
N ALA B 9 8.38 22.92 11.68
CA ALA B 9 9.61 23.65 11.94
C ALA B 9 10.04 23.45 13.39
N PRO B 10 11.35 23.58 13.67
CA PRO B 10 11.80 23.48 15.05
C PRO B 10 11.62 24.78 15.86
N TYR B 11 11.10 25.84 15.25
CA TYR B 11 10.88 27.13 15.93
C TYR B 11 9.43 27.64 15.80
N GLU B 12 9.11 28.62 16.64
CA GLU B 12 7.83 29.35 16.61
C GLU B 12 8.01 30.68 15.88
N PRO B 13 6.89 31.37 15.57
CA PRO B 13 6.96 32.75 15.09
C PRO B 13 7.59 33.68 16.14
N GLN B 14 8.47 34.58 15.68
CA GLN B 14 9.26 35.46 16.54
C GLN B 14 9.27 36.88 16.03
N GLY B 15 9.81 37.78 16.85
CA GLY B 15 9.90 39.18 16.51
C GLY B 15 8.50 39.74 16.38
N ASP B 16 8.16 40.16 15.17
CA ASP B 16 6.82 40.63 14.83
C ASP B 16 6.18 39.77 13.70
N GLN B 17 6.61 38.51 13.59
CA GLN B 17 5.91 37.54 12.77
C GLN B 17 4.51 37.21 13.33
N PRO B 18 4.38 37.03 14.67
CA PRO B 18 3.05 36.74 15.21
C PRO B 18 1.96 37.74 14.81
N GLN B 19 2.25 39.03 14.93
CA GLN B 19 1.31 40.10 14.53
C GLN B 19 1.10 40.18 13.01
N ALA B 20 2.11 39.83 12.21
CA ALA B 20 1.96 39.77 10.75
C ALA B 20 0.99 38.67 10.36
N ILE B 21 1.22 37.49 10.93
CA ILE B 21 0.42 36.29 10.66
C ILE B 21 -1.03 36.54 11.07
N ALA B 22 -1.21 37.15 12.25
CA ALA B 22 -2.54 37.47 12.76
C ALA B 22 -3.30 38.39 11.83
N LYS B 23 -2.62 39.40 11.28
CA LYS B 23 -3.27 40.41 10.45
C LYS B 23 -3.61 39.86 9.07
N LEU B 24 -2.67 39.17 8.45
CA LEU B 24 -2.89 38.57 7.12
C LEU B 24 -4.00 37.53 7.13
N VAL B 25 -4.00 36.66 8.15
CA VAL B 25 -5.02 35.62 8.31
C VAL B 25 -6.40 36.22 8.58
N ASP B 26 -6.46 37.30 9.36
CA ASP B 26 -7.73 37.95 9.63
C ASP B 26 -8.33 38.59 8.37
N GLY B 27 -7.50 39.23 7.55
CA GLY B 27 -7.93 39.82 6.29
C GLY B 27 -8.46 38.81 5.27
N LEU B 28 -7.77 37.68 5.16
CA LEU B 28 -8.27 36.55 4.36
C LEU B 28 -9.65 36.12 4.85
N ARG B 29 -9.77 35.87 6.15
CA ARG B 29 -11.03 35.44 6.77
C ARG B 29 -12.16 36.46 6.54
N ARG B 30 -11.82 37.75 6.55
CA ARG B 30 -12.77 38.83 6.23
C ARG B 30 -13.02 39.08 4.72
N GLY B 31 -12.47 38.23 3.84
CA GLY B 31 -12.71 38.35 2.40
C GLY B 31 -12.05 39.55 1.72
N VAL B 32 -10.98 40.08 2.32
CA VAL B 32 -10.21 41.16 1.72
C VAL B 32 -9.44 40.56 0.56
N LYS B 33 -9.55 41.20 -0.61
CA LYS B 33 -8.99 40.68 -1.84
C LYS B 33 -7.46 40.82 -1.88
N HIS B 34 -7.00 42.05 -1.69
CA HIS B 34 -5.59 42.41 -1.83
C HIS B 34 -5.00 42.75 -0.47
N GLN B 35 -3.83 42.18 -0.17
CA GLN B 35 -3.07 42.56 1.02
C GLN B 35 -1.59 42.64 0.72
N THR B 36 -0.88 43.43 1.52
CA THR B 36 0.55 43.66 1.32
C THR B 36 1.33 43.39 2.61
N LEU B 37 2.21 42.40 2.57
CA LEU B 37 3.20 42.19 3.63
C LEU B 37 4.41 43.03 3.30
N LEU B 38 4.61 44.12 4.05
CA LEU B 38 5.83 44.92 3.94
C LEU B 38 6.90 44.23 4.78
N GLY B 39 7.50 43.18 4.22
CA GLY B 39 8.47 42.38 4.93
C GLY B 39 9.88 42.88 4.71
N ALA B 40 10.50 43.42 5.75
CA ALA B 40 11.89 43.86 5.70
C ALA B 40 12.81 42.68 5.43
N THR B 41 13.87 42.93 4.68
CA THR B 41 14.81 41.89 4.28
C THR B 41 15.35 41.13 5.49
N GLY B 42 15.35 39.80 5.40
CA GLY B 42 15.88 38.94 6.46
C GLY B 42 15.06 38.89 7.75
N THR B 43 13.74 39.08 7.65
CA THR B 43 12.81 38.86 8.79
C THR B 43 12.06 37.52 8.71
N GLY B 44 12.53 36.58 7.88
CA GLY B 44 11.86 35.29 7.71
C GLY B 44 10.49 35.43 7.04
N LYS B 45 10.45 36.04 5.86
CA LYS B 45 9.20 36.23 5.12
C LYS B 45 8.59 34.91 4.61
N THR B 46 9.43 33.94 4.25
CA THR B 46 8.94 32.61 3.84
C THR B 46 8.23 31.91 5.00
N PHE B 47 8.84 31.93 6.17
CA PHE B 47 8.25 31.32 7.37
C PHE B 47 6.91 31.95 7.78
N THR B 48 6.79 33.27 7.57
CA THR B 48 5.53 33.98 7.87
C THR B 48 4.39 33.50 6.95
N ILE B 49 4.67 33.47 5.66
CA ILE B 49 3.69 33.09 4.65
C ILE B 49 3.27 31.64 4.82
N SER B 50 4.21 30.77 5.21
CA SER B 50 3.88 29.38 5.53
C SER B 50 2.84 29.25 6.67
N ASN B 51 2.93 30.12 7.68
CA ASN B 51 1.95 30.14 8.79
C ASN B 51 0.56 30.56 8.32
N VAL B 52 0.52 31.61 7.51
CA VAL B 52 -0.73 32.08 6.91
C VAL B 52 -1.42 30.95 6.13
N ILE B 53 -0.65 30.24 5.29
CA ILE B 53 -1.17 29.13 4.47
C ILE B 53 -1.70 28.02 5.37
N ALA B 54 -0.87 27.62 6.35
CA ALA B 54 -1.25 26.63 7.34
C ALA B 54 -2.60 26.92 8.00
N GLN B 55 -2.84 28.16 8.41
CA GLN B 55 -4.07 28.51 9.12
C GLN B 55 -5.29 28.52 8.22
N VAL B 56 -5.27 29.30 7.14
CA VAL B 56 -6.46 29.45 6.26
C VAL B 56 -6.75 28.21 5.44
N ASN B 57 -5.71 27.45 5.12
CA ASN B 57 -5.85 26.14 4.49
C ASN B 57 -6.59 26.23 3.16
N LYS B 58 -5.94 26.90 2.21
CA LYS B 58 -6.42 27.04 0.84
C LYS B 58 -5.25 26.69 -0.07
N PRO B 59 -5.53 26.01 -1.21
CA PRO B 59 -4.42 25.69 -2.10
C PRO B 59 -3.81 26.96 -2.68
N THR B 60 -2.49 27.15 -2.53
CA THR B 60 -1.86 28.41 -2.92
C THR B 60 -0.95 28.32 -4.13
N LEU B 61 -0.81 29.47 -4.80
CA LEU B 61 0.13 29.68 -5.90
C LEU B 61 1.13 30.75 -5.44
N VAL B 62 2.42 30.46 -5.48
CA VAL B 62 3.45 31.43 -5.16
C VAL B 62 4.14 31.82 -6.47
N ILE B 63 3.98 33.08 -6.88
CA ILE B 63 4.61 33.59 -8.11
C ILE B 63 5.91 34.34 -7.77
N ALA B 64 7.03 33.87 -8.35
CA ALA B 64 8.34 34.53 -8.22
C ALA B 64 8.84 35.03 -9.56
N HIS B 65 9.76 35.99 -9.50
CA HIS B 65 10.24 36.71 -10.68
C HIS B 65 11.51 36.13 -11.30
N ASN B 66 12.23 35.27 -10.57
CA ASN B 66 13.31 34.48 -11.18
C ASN B 66 13.38 33.04 -10.66
N LYS B 67 13.88 32.14 -11.50
CA LYS B 67 13.84 30.72 -11.20
C LYS B 67 14.81 30.30 -10.10
N THR B 68 15.89 31.04 -9.88
CA THR B 68 16.78 30.76 -8.75
C THR B 68 16.05 30.99 -7.42
N LEU B 69 15.36 32.13 -7.32
CA LEU B 69 14.51 32.40 -6.15
C LEU B 69 13.41 31.35 -6.02
N ALA B 70 12.78 31.01 -7.15
CA ALA B 70 11.72 29.98 -7.19
C ALA B 70 12.22 28.62 -6.68
N GLY B 71 13.43 28.24 -7.10
CA GLY B 71 14.07 27.02 -6.61
C GLY B 71 14.22 27.01 -5.09
N GLN B 72 14.67 28.14 -4.53
CA GLN B 72 14.81 28.28 -3.08
C GLN B 72 13.47 28.22 -2.34
N LEU B 73 12.45 28.89 -2.87
CA LEU B 73 11.10 28.82 -2.27
C LEU B 73 10.59 27.38 -2.29
N TYR B 74 10.76 26.72 -3.43
CA TYR B 74 10.38 25.31 -3.59
C TYR B 74 11.08 24.44 -2.56
N SER B 75 12.39 24.58 -2.47
CA SER B 75 13.24 23.88 -1.50
C SER B 75 12.86 24.20 -0.04
N GLU B 76 12.75 25.49 0.27
CA GLU B 76 12.37 25.94 1.62
C GLU B 76 10.99 25.40 2.03
N LEU B 77 10.00 25.54 1.15
CA LEU B 77 8.61 25.11 1.43
C LEU B 77 8.42 23.59 1.56
N LYS B 78 9.26 22.80 0.88
CA LYS B 78 9.19 21.35 1.02
C LYS B 78 9.56 20.89 2.43
N GLU B 79 10.45 21.62 3.09
CA GLU B 79 10.84 21.33 4.47
C GLU B 79 9.74 21.65 5.49
N PHE B 80 9.04 22.77 5.27
CA PHE B 80 7.93 23.16 6.15
C PHE B 80 6.68 22.30 5.97
N PHE B 81 6.45 21.77 4.76
CA PHE B 81 5.26 20.97 4.45
C PHE B 81 5.66 19.67 3.74
N PRO B 82 6.35 18.75 4.45
CA PRO B 82 6.77 17.49 3.83
C PRO B 82 5.64 16.49 3.66
N HIS B 83 4.51 16.70 4.35
CA HIS B 83 3.35 15.84 4.24
C HIS B 83 2.30 16.41 3.28
N ASN B 84 2.62 17.52 2.62
CA ASN B 84 1.69 18.17 1.70
C ASN B 84 2.31 18.29 0.31
N ALA B 85 1.47 18.63 -0.66
CA ALA B 85 1.90 18.76 -2.06
C ALA B 85 2.59 20.12 -2.31
N VAL B 86 3.92 20.14 -2.26
CA VAL B 86 4.71 21.30 -2.69
C VAL B 86 5.20 21.01 -4.12
N GLU B 87 4.75 21.82 -5.08
CA GLU B 87 5.02 21.58 -6.50
C GLU B 87 5.75 22.75 -7.15
N TYR B 88 6.37 22.49 -8.30
CA TYR B 88 7.19 23.47 -9.03
C TYR B 88 6.58 23.66 -10.42
N PHE B 89 6.44 24.91 -10.86
CA PHE B 89 5.82 25.22 -12.16
C PHE B 89 6.52 26.39 -12.85
N VAL B 90 7.52 26.07 -13.64
CA VAL B 90 8.26 27.07 -14.40
C VAL B 90 8.41 26.62 -15.85
N SER B 91 8.99 27.49 -16.69
CA SER B 91 9.30 27.17 -18.08
C SER B 91 10.13 25.89 -18.16
N TYR B 92 9.76 24.99 -19.09
CA TYR B 92 10.45 23.71 -19.23
C TYR B 92 11.47 23.66 -20.38
N TYR B 93 11.84 24.82 -20.92
CA TYR B 93 12.74 24.87 -22.06
C TYR B 93 14.18 25.05 -21.61
N ASP B 94 15.07 24.18 -22.09
CA ASP B 94 16.52 24.35 -21.90
C ASP B 94 16.99 25.59 -22.65
N TYR B 95 16.51 25.76 -23.88
CA TYR B 95 16.61 27.04 -24.60
C TYR B 95 15.38 27.29 -25.44
N TYR B 96 15.15 28.55 -25.79
CA TYR B 96 14.01 28.91 -26.63
C TYR B 96 14.23 30.21 -27.40
N GLN B 97 13.84 30.21 -28.66
CA GLN B 97 13.69 31.42 -29.47
C GLN B 97 12.35 31.30 -30.15
N PRO B 98 11.45 32.30 -29.99
CA PRO B 98 10.20 32.18 -30.72
C PRO B 98 10.34 32.54 -32.20
N GLU B 99 9.35 32.18 -32.99
CA GLU B 99 9.20 32.66 -34.36
C GLU B 99 9.08 34.19 -34.22
N ALA B 100 9.89 34.93 -34.96
CA ALA B 100 9.89 36.39 -34.88
C ALA B 100 10.37 37.05 -36.16
N TYR B 101 9.83 38.24 -36.44
CA TYR B 101 10.23 39.04 -37.59
C TYR B 101 10.63 40.43 -37.14
N VAL B 102 11.88 40.80 -37.45
CA VAL B 102 12.42 42.11 -37.11
C VAL B 102 12.35 42.99 -38.37
N PRO B 103 11.34 43.88 -38.46
CA PRO B 103 11.24 44.71 -39.66
C PRO B 103 12.40 45.70 -39.82
N GLN B 104 13.05 46.09 -38.73
CA GLN B 104 14.28 46.89 -38.77
C GLN B 104 15.34 46.24 -39.67
N THR B 105 15.63 44.96 -39.43
CA THR B 105 16.63 44.20 -40.23
C THR B 105 16.05 43.26 -41.29
N ASP B 106 14.72 43.24 -41.45
CA ASP B 106 14.04 42.43 -42.47
C ASP B 106 14.45 40.94 -42.35
N THR B 107 14.47 40.46 -41.11
CA THR B 107 15.08 39.16 -40.79
C THR B 107 14.09 38.25 -40.06
N TYR B 108 13.72 37.15 -40.73
CA TYR B 108 12.85 36.13 -40.14
C TYR B 108 13.67 35.16 -39.29
N ILE B 109 13.33 35.09 -38.00
CA ILE B 109 13.93 34.14 -37.06
C ILE B 109 13.02 32.93 -36.91
N GLU B 110 13.56 31.72 -37.08
CA GLU B 110 12.80 30.49 -36.88
C GLU B 110 12.68 30.15 -35.40
N LYS B 111 11.60 29.46 -35.04
CA LYS B 111 11.45 28.90 -33.69
C LYS B 111 12.43 27.73 -33.50
N ASP B 112 13.20 27.79 -32.43
CA ASP B 112 14.04 26.67 -32.00
C ASP B 112 13.85 26.42 -30.51
N ALA B 113 13.71 25.16 -30.12
CA ALA B 113 13.47 24.80 -28.73
C ALA B 113 14.04 23.44 -28.36
N LYS B 114 14.29 23.26 -27.07
CA LYS B 114 14.80 22.02 -26.48
C LYS B 114 14.17 21.92 -25.09
N ILE B 115 13.52 20.78 -24.81
CA ILE B 115 12.71 20.63 -23.60
C ILE B 115 13.49 19.90 -22.50
N ASN B 116 13.27 20.32 -21.27
CA ASN B 116 13.86 19.73 -20.08
C ASN B 116 12.87 18.74 -19.51
N ASP B 117 13.27 17.48 -19.41
CA ASP B 117 12.36 16.42 -18.97
C ASP B 117 11.90 16.60 -17.54
N GLU B 118 12.83 16.98 -16.66
CA GLU B 118 12.53 17.12 -15.22
C GLU B 118 11.44 18.14 -14.92
N ILE B 119 11.50 19.30 -15.57
CA ILE B 119 10.55 20.38 -15.34
C ILE B 119 9.18 20.01 -15.91
N ASP B 120 9.16 19.40 -17.09
CA ASP B 120 7.93 18.83 -17.67
C ASP B 120 7.21 17.92 -16.65
N LYS B 121 7.99 17.07 -15.99
CA LYS B 121 7.51 16.20 -14.92
C LYS B 121 6.90 16.98 -13.75
N LEU B 122 7.64 17.97 -13.25
CA LEU B 122 7.18 18.81 -12.13
C LEU B 122 5.92 19.59 -12.48
N ARG B 123 5.86 20.08 -13.72
CA ARG B 123 4.68 20.75 -14.23
C ARG B 123 3.45 19.84 -14.24
N HIS B 124 3.65 18.58 -14.64
CA HIS B 124 2.58 17.59 -14.61
C HIS B 124 2.23 17.13 -13.21
N SER B 125 3.23 17.02 -12.34
CA SER B 125 3.01 16.77 -10.90
C SER B 125 2.18 17.88 -10.27
N ALA B 126 2.46 19.13 -10.67
CA ALA B 126 1.72 20.30 -10.18
C ALA B 126 0.25 20.34 -10.61
N THR B 127 -0.03 20.06 -11.87
CA THR B 127 -1.41 20.09 -12.40
C THR B 127 -2.27 18.92 -11.92
N SER B 128 -1.69 17.73 -11.88
CA SER B 128 -2.38 16.55 -11.37
C SER B 128 -2.73 16.72 -9.89
N ALA B 129 -1.76 17.18 -9.10
CA ALA B 129 -1.96 17.39 -7.65
C ALA B 129 -3.17 18.26 -7.30
N LEU B 130 -3.44 19.28 -8.11
CA LEU B 130 -4.60 20.17 -7.90
C LEU B 130 -5.94 19.47 -8.05
N PHE B 131 -5.98 18.34 -8.78
CA PHE B 131 -7.18 17.52 -8.89
C PHE B 131 -7.22 16.36 -7.90
N GLU B 132 -6.06 15.85 -7.48
CA GLU B 132 -6.01 14.74 -6.52
C GLU B 132 -6.32 15.18 -5.09
N ARG B 133 -5.71 16.27 -4.65
CA ARG B 133 -5.82 16.71 -3.26
C ARG B 133 -5.88 18.24 -3.13
N ARG B 134 -6.42 18.68 -2.01
CA ARG B 134 -6.63 20.11 -1.73
C ARG B 134 -5.45 20.83 -1.05
N ASP B 135 -4.56 20.07 -0.39
CA ASP B 135 -3.40 20.61 0.33
C ASP B 135 -2.16 20.83 -0.57
N VAL B 136 -2.30 21.79 -1.49
CA VAL B 136 -1.32 22.00 -2.58
C VAL B 136 -0.69 23.41 -2.54
N ILE B 137 0.63 23.48 -2.66
CA ILE B 137 1.39 24.74 -2.82
C ILE B 137 2.29 24.65 -4.07
N ILE B 138 1.94 25.35 -5.13
CA ILE B 138 2.76 25.41 -6.35
C ILE B 138 3.59 26.71 -6.38
N VAL B 139 4.91 26.55 -6.44
CA VAL B 139 5.83 27.67 -6.70
C VAL B 139 5.99 27.84 -8.20
N ALA B 140 5.67 29.03 -8.68
CA ALA B 140 5.54 29.31 -10.10
C ALA B 140 6.34 30.53 -10.51
N SER B 141 6.70 30.57 -11.79
CA SER B 141 7.08 31.79 -12.47
C SER B 141 5.84 32.29 -13.23
N VAL B 142 5.98 33.36 -14.00
CA VAL B 142 4.88 33.83 -14.86
C VAL B 142 4.44 32.84 -15.96
N SER B 143 5.11 31.68 -16.10
CA SER B 143 4.54 30.54 -16.87
C SER B 143 3.11 30.23 -16.43
N SER B 144 2.83 30.44 -15.15
CA SER B 144 1.46 30.36 -14.59
C SER B 144 0.40 31.08 -15.42
N ILE B 145 0.74 32.24 -15.98
CA ILE B 145 -0.24 33.03 -16.77
C ILE B 145 -0.29 32.69 -18.28
N TYR B 146 0.49 31.69 -18.72
CA TYR B 146 0.45 31.24 -20.13
C TYR B 146 -0.56 30.10 -20.36
N GLY B 147 -0.92 29.94 -21.63
CA GLY B 147 -1.95 29.01 -22.06
C GLY B 147 -1.64 27.55 -21.81
N LEU B 148 -2.60 26.86 -21.19
CA LEU B 148 -2.68 25.41 -21.11
C LEU B 148 -4.05 25.01 -21.59
N GLY B 149 -4.24 23.74 -21.95
CA GLY B 149 -5.56 23.26 -22.30
C GLY B 149 -6.48 23.33 -21.10
N SER B 150 -7.78 23.45 -21.34
CA SER B 150 -8.77 23.64 -20.25
C SER B 150 -8.61 22.61 -19.13
N PRO B 151 -8.88 23.02 -17.88
CA PRO B 151 -8.87 22.06 -16.77
C PRO B 151 -10.03 21.04 -16.86
N GLU B 152 -11.13 21.41 -17.50
CA GLU B 152 -12.26 20.49 -17.71
C GLU B 152 -11.79 19.27 -18.48
N GLU B 153 -11.17 19.50 -19.65
CA GLU B 153 -10.71 18.43 -20.53
C GLU B 153 -9.51 17.64 -19.98
N TYR B 154 -8.66 18.30 -19.20
CA TYR B 154 -7.54 17.60 -18.54
C TYR B 154 -8.11 16.56 -17.57
N ARG B 155 -9.11 16.97 -16.78
CA ARG B 155 -9.79 16.08 -15.84
C ARG B 155 -10.71 15.06 -16.55
N GLU B 156 -11.43 15.52 -17.58
CA GLU B 156 -12.37 14.69 -18.35
C GLU B 156 -11.71 13.45 -18.96
N LEU B 157 -10.51 13.61 -19.49
CA LEU B 157 -9.81 12.51 -20.16
C LEU B 157 -8.92 11.65 -19.24
N VAL B 158 -9.09 11.77 -17.92
CA VAL B 158 -8.33 10.96 -16.97
C VAL B 158 -8.77 9.49 -17.05
N VAL B 159 -7.85 8.59 -16.73
CA VAL B 159 -8.10 7.15 -16.63
C VAL B 159 -7.92 6.72 -15.17
N SER B 160 -9.02 6.37 -14.51
CA SER B 160 -9.01 5.94 -13.10
C SER B 160 -9.15 4.43 -13.00
N LEU B 161 -8.49 3.84 -12.01
CA LEU B 161 -8.36 2.38 -11.88
C LEU B 161 -8.42 1.93 -10.41
N ARG B 162 -9.47 1.18 -10.06
CA ARG B 162 -9.67 0.60 -8.72
C ARG B 162 -9.41 -0.91 -8.73
N VAL B 163 -9.05 -1.47 -7.57
CA VAL B 163 -8.99 -2.94 -7.41
C VAL B 163 -10.41 -3.50 -7.54
N GLY B 164 -10.56 -4.56 -8.32
CA GLY B 164 -11.88 -5.06 -8.69
C GLY B 164 -12.67 -4.16 -9.63
N MET B 165 -11.95 -3.36 -10.44
CA MET B 165 -12.55 -2.63 -11.54
C MET B 165 -12.42 -3.53 -12.78
N GLU B 166 -13.52 -3.69 -13.53
CA GLU B 166 -13.53 -4.53 -14.73
C GLU B 166 -13.47 -3.70 -16.00
N ILE B 167 -12.31 -3.75 -16.66
CA ILE B 167 -12.11 -3.16 -17.99
C ILE B 167 -11.05 -4.02 -18.72
N GLU B 168 -11.13 -4.06 -20.05
CA GLU B 168 -10.22 -4.89 -20.87
C GLU B 168 -8.75 -4.42 -20.83
N ARG B 169 -7.83 -5.35 -21.09
CA ARG B 169 -6.39 -5.07 -21.19
C ARG B 169 -6.08 -4.06 -22.31
N ASN B 170 -6.51 -4.38 -23.52
CA ASN B 170 -6.25 -3.55 -24.70
C ASN B 170 -7.10 -2.27 -24.76
N ALA B 171 -8.21 -2.23 -24.02
CA ALA B 171 -9.02 -1.01 -23.93
C ALA B 171 -8.25 0.10 -23.21
N LEU B 172 -7.68 -0.25 -22.07
CA LEU B 172 -6.80 0.65 -21.28
C LEU B 172 -5.67 1.22 -22.14
N LEU B 173 -4.91 0.32 -22.77
CA LEU B 173 -3.77 0.68 -23.61
C LEU B 173 -4.10 1.73 -24.68
N ARG B 174 -5.22 1.54 -25.37
CA ARG B 174 -5.67 2.50 -26.39
C ARG B 174 -6.05 3.86 -25.79
N ARG B 175 -6.72 3.84 -24.64
CA ARG B 175 -7.09 5.09 -23.95
C ARG B 175 -5.89 5.79 -23.31
N LEU B 176 -4.86 5.04 -22.93
CA LEU B 176 -3.57 5.62 -22.52
C LEU B 176 -2.90 6.33 -23.70
N VAL B 177 -2.93 5.69 -24.87
CA VAL B 177 -2.37 6.27 -26.09
C VAL B 177 -3.15 7.54 -26.48
N ASP B 178 -4.46 7.55 -26.22
CA ASP B 178 -5.29 8.76 -26.43
C ASP B 178 -4.79 9.99 -25.65
N ILE B 179 -4.25 9.76 -24.46
CA ILE B 179 -3.73 10.83 -23.62
C ILE B 179 -2.19 10.88 -23.61
N GLN B 180 -1.58 10.59 -24.77
CA GLN B 180 -0.19 10.91 -25.07
C GLN B 180 0.84 10.04 -24.33
N TYR B 181 0.48 8.82 -23.97
CA TYR B 181 1.45 7.84 -23.47
C TYR B 181 1.97 6.95 -24.61
N ASP B 182 3.29 6.71 -24.63
CA ASP B 182 3.92 5.85 -25.64
C ASP B 182 4.21 4.50 -25.03
N ARG B 183 3.85 3.42 -25.72
CA ARG B 183 4.30 2.09 -25.31
C ARG B 183 5.81 2.03 -25.49
N ASN B 184 6.51 1.42 -24.53
CA ASN B 184 7.96 1.27 -24.61
C ASN B 184 8.41 0.17 -23.65
N ASP B 185 8.74 -0.99 -24.23
CA ASP B 185 9.18 -2.16 -23.46
C ASP B 185 10.69 -2.14 -23.18
N ILE B 186 11.42 -1.20 -23.77
CA ILE B 186 12.89 -1.20 -23.74
C ILE B 186 13.37 -0.23 -22.66
N ASP B 187 13.16 1.07 -22.87
CA ASP B 187 13.50 2.12 -21.90
C ASP B 187 12.24 2.66 -21.21
N PHE B 188 11.85 1.95 -20.15
CA PHE B 188 10.69 2.29 -19.34
C PHE B 188 11.01 3.53 -18.48
N ARG B 189 10.57 4.69 -18.97
CA ARG B 189 10.72 5.97 -18.28
C ARG B 189 9.35 6.66 -18.18
N ARG B 190 9.31 7.88 -17.64
CA ARG B 190 8.03 8.56 -17.41
C ARG B 190 7.24 8.84 -18.70
N GLY B 191 5.91 8.82 -18.56
CA GLY B 191 5.00 9.02 -19.70
C GLY B 191 4.84 7.82 -20.61
N THR B 192 5.27 6.64 -20.15
CA THR B 192 5.21 5.41 -20.95
C THR B 192 4.58 4.27 -20.18
N PHE B 193 4.26 3.19 -20.89
CA PHE B 193 3.79 1.94 -20.28
C PHE B 193 4.35 0.73 -20.99
N ARG B 194 4.14 -0.43 -20.38
CA ARG B 194 4.47 -1.71 -21.00
C ARG B 194 3.64 -2.81 -20.39
N VAL B 195 3.78 -4.01 -20.95
CA VAL B 195 3.09 -5.20 -20.44
C VAL B 195 4.14 -6.29 -20.22
N ARG B 196 4.05 -6.95 -19.06
CA ARG B 196 4.95 -8.06 -18.70
C ARG B 196 4.10 -9.21 -18.15
N GLY B 197 3.61 -10.04 -19.07
CA GLY B 197 2.66 -11.09 -18.75
C GLY B 197 1.31 -10.47 -18.42
N ASP B 198 0.83 -10.74 -17.20
CA ASP B 198 -0.46 -10.24 -16.73
C ASP B 198 -0.39 -8.86 -16.05
N VAL B 199 0.82 -8.31 -15.84
CA VAL B 199 0.98 -6.94 -15.31
C VAL B 199 0.97 -5.93 -16.47
N VAL B 200 0.40 -4.76 -16.21
CA VAL B 200 0.35 -3.65 -17.18
C VAL B 200 1.03 -2.45 -16.50
N GLU B 201 2.36 -2.44 -16.56
CA GLU B 201 3.16 -1.46 -15.81
C GLU B 201 3.08 -0.08 -16.46
N ILE B 202 2.78 0.94 -15.65
CA ILE B 202 2.62 2.33 -16.11
C ILE B 202 3.58 3.26 -15.37
N PHE B 203 4.17 4.22 -16.09
CA PHE B 203 5.04 5.24 -15.51
C PHE B 203 4.32 6.59 -15.73
N PRO B 204 3.59 7.11 -14.71
CA PRO B 204 2.82 8.32 -14.97
C PRO B 204 3.69 9.56 -15.27
N ALA B 205 3.11 10.52 -15.99
CA ALA B 205 3.79 11.77 -16.38
C ALA B 205 4.22 12.64 -15.19
N SER B 206 3.52 12.52 -14.07
CA SER B 206 3.86 13.25 -12.84
C SER B 206 5.02 12.66 -12.04
N ARG B 207 5.41 11.40 -12.28
CA ARG B 207 6.39 10.73 -11.41
C ARG B 207 7.72 10.44 -12.08
N ASP B 208 8.77 10.44 -11.25
CA ASP B 208 10.14 10.38 -11.69
C ASP B 208 10.65 8.94 -11.64
N GLU B 209 10.59 8.35 -10.44
CA GLU B 209 11.19 7.04 -10.14
C GLU B 209 10.16 6.05 -9.57
N HIS B 210 8.87 6.34 -9.74
CA HIS B 210 7.82 5.59 -9.04
C HIS B 210 6.71 5.16 -9.99
N SER B 211 6.94 3.99 -10.60
CA SER B 211 6.01 3.40 -11.56
C SER B 211 4.90 2.62 -10.88
N ILE B 212 3.75 2.57 -11.57
CA ILE B 212 2.58 1.78 -11.17
C ILE B 212 2.66 0.39 -11.81
N ARG B 213 1.97 -0.58 -11.22
CA ARG B 213 1.86 -1.92 -11.77
C ARG B 213 0.44 -2.42 -11.52
N VAL B 214 -0.35 -2.60 -12.59
CA VAL B 214 -1.74 -3.04 -12.48
C VAL B 214 -1.90 -4.49 -12.95
N GLU B 215 -2.06 -5.39 -11.99
CA GLU B 215 -2.14 -6.83 -12.25
C GLU B 215 -3.59 -7.26 -12.50
N PHE B 216 -3.78 -8.14 -13.49
CA PHE B 216 -5.11 -8.51 -13.99
C PHE B 216 -5.53 -9.95 -13.60
N GLY B 218 -7.86 -12.18 -15.54
CA GLY B 218 -8.83 -11.79 -16.56
C GLY B 218 -9.09 -10.31 -16.48
N ASP B 219 -10.31 -9.89 -16.83
CA ASP B 219 -10.69 -8.45 -16.79
C ASP B 219 -10.77 -7.85 -15.37
N GLU B 220 -10.83 -8.72 -14.35
CA GLU B 220 -10.76 -8.33 -12.95
C GLU B 220 -9.34 -7.82 -12.63
N ILE B 221 -9.25 -6.56 -12.23
CA ILE B 221 -7.99 -5.95 -11.82
C ILE B 221 -7.74 -6.34 -10.38
N GLU B 222 -6.66 -7.09 -10.15
CA GLU B 222 -6.39 -7.71 -8.85
C GLU B 222 -5.79 -6.73 -7.86
N ARG B 223 -4.56 -6.30 -8.10
CA ARG B 223 -3.76 -5.60 -7.08
C ARG B 223 -2.72 -4.62 -7.68
N ILE B 224 -2.92 -3.33 -7.40
CA ILE B 224 -2.05 -2.26 -7.88
C ILE B 224 -0.86 -2.13 -6.91
N ARG B 225 0.27 -1.63 -7.42
CA ARG B 225 1.46 -1.36 -6.60
C ARG B 225 2.06 0.01 -6.88
N GLU B 226 3.15 0.30 -6.17
CA GLU B 226 4.12 1.31 -6.58
C GLU B 226 5.47 0.60 -6.65
N VAL B 227 6.32 1.02 -7.56
CA VAL B 227 7.58 0.33 -7.84
C VAL B 227 8.72 1.32 -7.96
N ASP B 228 9.82 1.06 -7.25
CA ASP B 228 11.05 1.81 -7.45
C ASP B 228 11.65 1.44 -8.81
N ALA B 229 12.02 2.46 -9.59
CA ALA B 229 12.59 2.26 -10.92
C ALA B 229 14.06 1.82 -10.89
N LEU B 230 14.80 2.23 -9.87
CA LEU B 230 16.25 1.99 -9.80
C LEU B 230 16.66 0.56 -9.40
N THR B 231 15.75 -0.19 -8.76
CA THR B 231 15.94 -1.64 -8.51
C THR B 231 14.79 -2.55 -8.99
N GLY B 232 13.67 -1.98 -9.43
CA GLY B 232 12.48 -2.76 -9.79
C GLY B 232 11.75 -3.40 -8.62
N GLU B 233 11.95 -2.89 -7.41
CA GLU B 233 11.40 -3.50 -6.20
C GLU B 233 9.91 -3.14 -6.01
N VAL B 234 9.40 -3.28 -4.78
CA VAL B 234 8.13 -2.69 -4.38
C VAL B 234 8.42 -1.61 -3.33
N LEU B 235 7.78 -0.46 -3.47
CA LEU B 235 7.72 0.56 -2.41
C LEU B 235 6.30 0.80 -1.88
N GLY B 236 5.27 0.27 -2.56
CA GLY B 236 3.88 0.51 -2.18
C GLY B 236 2.95 -0.68 -2.36
N GLU B 237 1.70 -0.47 -1.99
CA GLU B 237 0.62 -1.45 -2.13
C GLU B 237 -0.68 -0.63 -2.17
N ARG B 238 -1.02 -0.13 -3.35
CA ARG B 238 -2.13 0.81 -3.47
C ARG B 238 -3.45 0.07 -3.57
N GLU B 239 -4.54 0.82 -3.41
CA GLU B 239 -5.91 0.35 -3.69
C GLU B 239 -6.61 1.09 -4.84
N HIS B 240 -6.12 2.27 -5.22
CA HIS B 240 -6.60 2.98 -6.43
C HIS B 240 -5.54 3.92 -7.00
N VAL B 241 -5.80 4.41 -8.23
CA VAL B 241 -4.91 5.38 -8.89
C VAL B 241 -5.61 6.10 -10.06
N ALA B 242 -5.25 7.37 -10.27
CA ALA B 242 -5.70 8.18 -11.42
C ALA B 242 -4.50 8.49 -12.32
N ILE B 243 -4.66 8.26 -13.62
CA ILE B 243 -3.60 8.50 -14.61
C ILE B 243 -3.98 9.72 -15.44
N PHE B 244 -3.21 10.80 -15.30
CA PHE B 244 -3.47 12.06 -16.00
C PHE B 244 -2.77 12.10 -17.35
N PRO B 245 -3.30 12.90 -18.29
CA PRO B 245 -2.64 13.13 -19.58
C PRO B 245 -1.15 13.48 -19.48
N ALA B 246 -0.36 12.92 -20.40
CA ALA B 246 1.06 13.25 -20.49
C ALA B 246 1.33 14.59 -21.20
N SER B 247 0.28 15.24 -21.72
CA SER B 247 0.33 16.59 -22.25
C SER B 247 -0.88 17.41 -21.77
N HIS B 248 -0.66 18.71 -21.53
CA HIS B 248 -1.73 19.62 -21.10
C HIS B 248 -2.62 20.09 -22.26
N PHE B 249 -2.27 19.73 -23.50
CA PHE B 249 -3.12 20.00 -24.66
C PHE B 249 -3.50 18.67 -25.29
N VAL B 250 -4.79 18.48 -25.59
CA VAL B 250 -5.29 17.23 -26.18
C VAL B 250 -6.19 17.50 -27.40
N CYS B 251 -5.59 17.46 -28.59
CA CYS B 251 -6.29 17.64 -29.86
C CYS B 251 -7.05 16.36 -30.22
N ARG B 252 -8.37 16.39 -30.08
CA ARG B 252 -9.20 15.22 -30.44
C ARG B 252 -9.50 15.17 -31.94
N GLU B 253 -9.29 14.00 -32.53
CA GLU B 253 -9.55 13.75 -33.97
C GLU B 253 -10.96 14.14 -34.42
N GLU B 254 -11.93 13.90 -33.54
CA GLU B 254 -13.33 14.26 -33.78
C GLU B 254 -13.49 15.70 -34.28
N LYS B 255 -12.81 16.62 -33.59
CA LYS B 255 -12.96 18.07 -33.85
C LYS B 255 -11.87 18.71 -34.70
N MET B 256 -10.74 18.02 -34.89
CA MET B 256 -9.63 18.57 -35.65
C MET B 256 -9.97 18.74 -37.14
N ARG B 257 -10.90 17.93 -37.66
CA ARG B 257 -11.42 18.08 -39.02
C ARG B 257 -12.23 19.38 -39.21
N LEU B 258 -13.10 19.66 -38.25
CA LEU B 258 -13.92 20.88 -38.27
C LEU B 258 -13.10 22.17 -38.13
N ALA B 259 -12.01 22.12 -37.35
CA ALA B 259 -11.12 23.26 -37.17
C ALA B 259 -10.39 23.62 -38.47
N ILE B 260 -9.98 22.61 -39.24
CA ILE B 260 -9.32 22.84 -40.54
C ILE B 260 -10.21 23.64 -41.49
N GLN B 261 -11.52 23.40 -41.46
CA GLN B 261 -12.46 24.23 -42.23
C GLN B 261 -12.40 25.70 -41.80
N ASN B 262 -12.38 25.94 -40.48
CA ASN B 262 -12.36 27.29 -39.89
C ASN B 262 -11.08 28.06 -40.19
N ILE B 263 -9.94 27.36 -40.14
CA ILE B 263 -8.65 27.98 -40.46
C ILE B 263 -8.62 28.35 -41.95
N GLU B 264 -8.95 27.37 -42.80
CA GLU B 264 -9.04 27.56 -44.25
C GLU B 264 -9.91 28.74 -44.65
N GLN B 265 -11.03 28.93 -43.94
CA GLN B 265 -11.93 30.05 -44.21
C GLN B 265 -11.34 31.37 -43.73
N GLU B 266 -10.57 31.34 -42.65
CA GLU B 266 -9.82 32.52 -42.20
C GLU B 266 -8.66 32.81 -43.15
N LEU B 267 -8.05 31.76 -43.70
CA LEU B 267 -6.95 31.92 -44.64
C LEU B 267 -7.38 32.71 -45.87
N GLU B 268 -8.38 32.22 -46.58
CA GLU B 268 -8.78 32.82 -47.86
C GLU B 268 -9.30 34.25 -47.70
N GLU B 269 -10.05 34.50 -46.63
CA GLU B 269 -10.45 35.88 -46.28
C GLU B 269 -9.25 36.80 -46.00
N ARG B 270 -8.24 36.28 -45.31
CA ARG B 270 -7.02 37.03 -45.01
C ARG B 270 -6.14 37.29 -46.25
N LEU B 271 -6.05 36.30 -47.13
CA LEU B 271 -5.31 36.43 -48.40
C LEU B 271 -5.98 37.44 -49.31
N ALA B 272 -7.31 37.34 -49.38
CA ALA B 272 -8.15 38.32 -50.07
C ALA B 272 -7.89 39.73 -49.57
N GLU B 273 -7.87 39.87 -48.25
CA GLU B 273 -7.65 41.15 -47.57
C GLU B 273 -6.26 41.75 -47.91
N LEU B 274 -5.22 40.96 -47.69
CA LEU B 274 -3.83 41.37 -48.00
C LEU B 274 -3.60 41.73 -49.49
N ARG B 275 -4.26 41.00 -50.39
CA ARG B 275 -4.08 41.19 -51.84
C ARG B 275 -4.72 42.49 -52.33
N ALA B 276 -5.89 42.81 -51.81
CA ALA B 276 -6.54 44.09 -52.06
C ALA B 276 -5.73 45.29 -51.54
N GLN B 277 -4.93 45.07 -50.49
CA GLN B 277 -4.07 46.12 -49.91
C GLN B 277 -2.72 46.30 -50.62
N GLY B 278 -2.44 45.51 -51.66
CA GLY B 278 -1.15 45.54 -52.33
C GLY B 278 -0.08 44.67 -51.70
N LYS B 279 -0.45 43.96 -50.61
CA LYS B 279 0.52 43.18 -49.84
C LYS B 279 0.58 41.78 -50.43
N LEU B 280 1.19 41.68 -51.61
CA LEU B 280 1.18 40.48 -52.42
C LEU B 280 2.21 39.49 -51.92
N LEU B 281 3.43 39.99 -51.64
CA LEU B 281 4.46 39.19 -50.99
C LEU B 281 3.94 38.57 -49.70
N GLU B 282 3.21 39.37 -48.93
CA GLU B 282 2.68 38.96 -47.62
C GLU B 282 1.68 37.81 -47.74
N ALA B 283 0.80 37.90 -48.74
CA ALA B 283 -0.16 36.82 -49.00
C ALA B 283 0.51 35.55 -49.55
N GLN B 284 1.60 35.69 -50.30
CA GLN B 284 2.36 34.53 -50.78
C GLN B 284 2.92 33.74 -49.61
N ARG B 285 3.58 34.45 -48.67
CA ARG B 285 4.10 33.86 -47.42
C ARG B 285 3.01 33.09 -46.68
N LEU B 286 1.91 33.79 -46.44
CA LEU B 286 0.83 33.24 -45.65
C LEU B 286 0.23 32.00 -46.28
N GLU B 287 0.09 32.01 -47.61
CA GLU B 287 -0.41 30.86 -48.36
C GLU B 287 0.52 29.66 -48.20
N GLN B 288 1.81 29.85 -48.48
CA GLN B 288 2.80 28.75 -48.43
C GLN B 288 2.93 28.11 -47.04
N ARG B 289 2.95 28.93 -45.98
CA ARG B 289 3.04 28.40 -44.61
C ARG B 289 1.80 27.66 -44.18
N THR B 290 0.66 28.32 -44.33
CA THR B 290 -0.62 27.75 -43.89
C THR B 290 -1.02 26.53 -44.71
N ARG B 291 -0.84 26.55 -46.03
CA ARG B 291 -1.09 25.36 -46.86
C ARG B 291 -0.26 24.15 -46.40
N TYR B 292 1.05 24.36 -46.20
CA TYR B 292 1.95 23.31 -45.69
C TYR B 292 1.45 22.81 -44.33
N ASP B 293 1.29 23.74 -43.39
CA ASP B 293 0.78 23.43 -42.04
C ASP B 293 -0.61 22.76 -42.05
N LEU B 294 -1.42 22.99 -43.08
CA LEU B 294 -2.74 22.34 -43.20
C LEU B 294 -2.68 20.93 -43.83
N GLU B 295 -1.85 20.74 -44.84
CA GLU B 295 -1.61 19.38 -45.39
C GLU B 295 -0.93 18.46 -44.35
N MET B 296 -0.10 19.06 -43.49
CA MET B 296 0.59 18.35 -42.42
C MET B 296 -0.30 18.05 -41.20
N MET B 297 -1.45 18.72 -41.12
CA MET B 297 -2.49 18.42 -40.12
C MET B 297 -3.46 17.34 -40.60
N ARG B 298 -3.74 17.31 -41.91
CA ARG B 298 -4.52 16.22 -42.52
C ARG B 298 -3.73 14.91 -42.51
N GLU B 299 -2.55 14.95 -43.14
CA GLU B 299 -1.67 13.79 -43.30
C GLU B 299 -1.20 13.20 -41.95
N MET B 300 -0.75 14.08 -41.07
CA MET B 300 -0.18 13.73 -39.75
C MET B 300 -1.15 14.20 -38.67
N GLY B 301 -0.81 14.00 -37.41
CA GLY B 301 -1.61 14.52 -36.30
C GLY B 301 -1.28 15.97 -35.99
N PHE B 302 0.00 16.22 -35.73
CA PHE B 302 0.53 17.53 -35.34
C PHE B 302 0.62 18.46 -36.55
N SER B 303 1.17 19.65 -36.32
CA SER B 303 1.70 20.50 -37.40
C SER B 303 2.95 21.22 -36.91
N SER B 304 3.65 21.88 -37.82
CA SER B 304 4.96 22.48 -37.52
C SER B 304 4.95 23.70 -36.58
N GLY B 305 3.79 24.31 -36.33
CA GLY B 305 3.68 25.39 -35.32
C GLY B 305 2.31 25.41 -34.69
N ILE B 306 1.85 24.21 -34.30
CA ILE B 306 0.45 23.94 -33.95
C ILE B 306 -0.15 24.94 -32.95
N GLU B 307 0.67 25.44 -32.04
CA GLU B 307 0.24 26.46 -31.07
C GLU B 307 -0.42 27.70 -31.69
N ASN B 308 0.05 28.11 -32.87
CA ASN B 308 -0.50 29.30 -33.58
C ASN B 308 -2.00 29.16 -33.93
N TYR B 309 -2.45 27.92 -34.08
CA TYR B 309 -3.85 27.62 -34.38
C TYR B 309 -4.61 27.16 -33.13
N SER B 310 -4.23 27.68 -31.96
CA SER B 310 -4.82 27.27 -30.68
C SER B 310 -6.33 27.46 -30.64
N ARG B 311 -6.75 28.71 -30.80
CA ARG B 311 -8.17 29.07 -30.71
C ARG B 311 -9.02 28.29 -31.74
N HIS B 312 -8.53 28.15 -32.97
CA HIS B 312 -9.24 27.37 -33.98
C HIS B 312 -9.38 25.89 -33.60
N LEU B 313 -8.27 25.29 -33.20
CA LEU B 313 -8.26 23.86 -32.83
C LEU B 313 -9.09 23.52 -31.60
N ALA B 314 -9.22 24.46 -30.66
CA ALA B 314 -10.07 24.25 -29.48
C ALA B 314 -11.52 24.71 -29.71
N LEU B 315 -11.82 25.25 -30.89
CA LEU B 315 -13.18 25.69 -31.28
C LEU B 315 -13.78 26.77 -30.37
N ARG B 316 -12.94 27.61 -29.77
CA ARG B 316 -13.40 28.67 -28.87
C ARG B 316 -13.55 29.95 -29.67
N PRO B 317 -14.35 30.91 -29.17
CA PRO B 317 -14.60 32.11 -29.99
C PRO B 317 -13.36 33.03 -30.13
N PRO B 318 -13.39 33.95 -31.12
CA PRO B 318 -12.41 35.02 -31.23
C PRO B 318 -12.33 35.92 -30.00
N GLY B 319 -11.11 36.32 -29.63
CA GLY B 319 -10.86 37.16 -28.46
C GLY B 319 -10.97 36.48 -27.11
N SER B 320 -10.92 35.14 -27.09
CA SER B 320 -11.10 34.38 -25.86
C SER B 320 -9.90 34.48 -24.93
N THR B 321 -10.19 34.55 -23.64
CA THR B 321 -9.15 34.46 -22.63
C THR B 321 -8.69 33.02 -22.60
N PRO B 322 -7.38 32.77 -22.80
CA PRO B 322 -6.88 31.39 -22.74
C PRO B 322 -6.95 30.80 -21.34
N TYR B 323 -7.05 29.48 -21.27
CA TYR B 323 -7.04 28.76 -20.01
C TYR B 323 -5.61 28.69 -19.48
N THR B 324 -5.47 28.81 -18.17
CA THR B 324 -4.18 28.97 -17.49
C THR B 324 -4.09 28.10 -16.23
N LEU B 325 -2.93 28.09 -15.58
CA LEU B 325 -2.76 27.42 -14.29
C LEU B 325 -3.72 27.94 -13.23
N LEU B 326 -4.02 29.23 -13.27
CA LEU B 326 -4.98 29.84 -12.33
C LEU B 326 -6.36 29.18 -12.41
N ASP B 327 -6.73 28.72 -13.59
CA ASP B 327 -8.01 28.03 -13.79
C ASP B 327 -7.99 26.58 -13.29
N TYR B 328 -6.79 25.99 -13.16
CA TYR B 328 -6.63 24.65 -12.57
C TYR B 328 -6.79 24.66 -11.04
N PHE B 329 -6.58 25.82 -10.41
CA PHE B 329 -6.82 26.00 -8.98
C PHE B 329 -8.32 26.09 -8.71
N PRO B 330 -8.77 25.70 -7.48
CA PRO B 330 -10.17 25.93 -7.13
C PRO B 330 -10.53 27.41 -7.06
N ASP B 331 -11.83 27.69 -6.96
CA ASP B 331 -12.34 29.07 -6.91
C ASP B 331 -11.81 29.91 -5.74
N ASP B 332 -11.48 29.26 -4.61
CA ASP B 332 -11.05 29.99 -3.40
C ASP B 332 -9.51 29.94 -3.14
N PHE B 333 -8.74 29.64 -4.16
CA PHE B 333 -7.27 29.66 -4.05
C PHE B 333 -6.70 31.02 -3.60
N LEU B 334 -5.44 30.97 -3.16
CA LEU B 334 -4.73 32.12 -2.61
C LEU B 334 -3.43 32.34 -3.37
N ILE B 335 -3.16 33.58 -3.80
CA ILE B 335 -1.92 33.90 -4.53
C ILE B 335 -0.94 34.62 -3.60
N ILE B 336 0.33 34.22 -3.66
CA ILE B 336 1.45 34.93 -3.01
C ILE B 336 2.37 35.42 -4.12
N VAL B 337 2.59 36.73 -4.21
CA VAL B 337 3.56 37.29 -5.14
C VAL B 337 4.82 37.63 -4.36
N ASP B 338 5.88 36.84 -4.58
CA ASP B 338 7.19 37.11 -3.97
C ASP B 338 7.82 38.26 -4.75
N GLU B 339 8.29 39.29 -4.06
CA GLU B 339 8.98 40.42 -4.69
C GLU B 339 8.04 41.15 -5.65
N SER B 340 6.83 41.43 -5.17
CA SER B 340 5.75 41.96 -6.01
C SER B 340 6.14 43.17 -6.88
N HIS B 341 6.88 44.11 -6.31
CA HIS B 341 7.40 45.28 -7.04
C HIS B 341 8.16 44.96 -8.33
N VAL B 342 8.76 43.78 -8.43
CA VAL B 342 9.38 43.31 -9.67
C VAL B 342 8.46 42.37 -10.42
N THR B 343 7.87 41.41 -9.70
CA THR B 343 7.06 40.38 -10.32
C THR B 343 5.83 40.94 -11.06
N LEU B 344 5.15 41.93 -10.47
CA LEU B 344 3.97 42.52 -11.11
C LEU B 344 4.32 43.31 -12.39
N PRO B 345 5.38 44.14 -12.38
CA PRO B 345 5.84 44.68 -13.67
C PRO B 345 6.23 43.64 -14.69
N GLN B 346 6.91 42.59 -14.25
CA GLN B 346 7.22 41.44 -15.10
C GLN B 346 5.94 40.77 -15.61
N LEU B 347 4.97 40.58 -14.75
CA LEU B 347 3.73 39.88 -15.11
C LEU B 347 2.89 40.70 -16.11
N ARG B 348 2.79 42.01 -15.87
CA ARG B 348 2.12 42.93 -16.80
C ARG B 348 2.79 42.94 -18.17
N GLY B 349 4.11 42.87 -18.19
CA GLY B 349 4.88 42.97 -19.42
C GLY B 349 4.77 41.81 -20.39
N MET B 350 4.45 40.62 -19.87
CA MET B 350 4.53 39.39 -20.67
C MET B 350 3.65 39.47 -21.93
N TYR B 351 2.42 39.94 -21.73
CA TYR B 351 1.47 40.07 -22.83
C TYR B 351 1.91 41.09 -23.86
N ASN B 352 2.52 42.19 -23.41
CA ASN B 352 2.97 43.27 -24.31
C ASN B 352 4.04 42.78 -25.24
N GLY B 353 5.05 42.09 -24.68
CA GLY B 353 6.11 41.47 -25.47
C GLY B 353 5.56 40.51 -26.50
N ASP B 354 4.66 39.63 -26.04
CA ASP B 354 4.05 38.60 -26.86
C ASP B 354 3.34 39.17 -28.08
N ARG B 355 2.41 40.09 -27.87
CA ARG B 355 1.63 40.62 -29.00
C ARG B 355 2.43 41.52 -29.93
N ALA B 356 3.38 42.28 -29.40
CA ALA B 356 4.26 43.06 -30.25
C ALA B 356 5.02 42.15 -31.20
N ARG B 357 5.49 41.01 -30.70
CA ARG B 357 6.14 40.00 -31.54
C ARG B 357 5.15 39.46 -32.56
N LYS B 358 3.97 39.03 -32.09
CA LYS B 358 3.02 38.36 -32.97
C LYS B 358 2.30 39.26 -33.98
N GLN B 359 2.07 40.54 -33.64
CA GLN B 359 1.41 41.46 -34.58
C GLN B 359 2.21 41.62 -35.87
N VAL B 360 3.53 41.81 -35.76
CA VAL B 360 4.34 42.04 -36.96
C VAL B 360 4.45 40.77 -37.79
N LEU B 361 4.44 39.60 -37.13
CA LEU B 361 4.31 38.34 -37.84
C LEU B 361 3.01 38.33 -38.66
N VAL B 362 1.89 38.70 -38.03
CA VAL B 362 0.61 38.79 -38.76
C VAL B 362 0.62 39.86 -39.86
N ASP B 363 1.23 41.01 -39.57
CA ASP B 363 1.27 42.12 -40.54
C ASP B 363 2.03 41.77 -41.81
N HIS B 364 3.17 41.10 -41.64
CA HIS B 364 4.01 40.74 -42.77
C HIS B 364 3.69 39.34 -43.32
N GLY B 365 2.51 38.82 -43.02
CA GLY B 365 2.00 37.58 -43.61
C GLY B 365 2.60 36.27 -43.14
N PHE B 366 3.23 36.25 -41.98
CA PHE B 366 3.82 35.00 -41.46
C PHE B 366 2.82 34.08 -40.75
N ARG B 367 1.84 34.68 -40.05
CA ARG B 367 0.76 33.93 -39.39
C ARG B 367 -0.58 34.61 -39.60
N LEU B 368 -1.64 33.87 -39.25
CA LEU B 368 -3.01 34.38 -39.34
C LEU B 368 -3.28 35.30 -38.16
N PRO B 369 -4.24 36.23 -38.29
CA PRO B 369 -4.62 37.03 -37.11
C PRO B 369 -5.08 36.22 -35.88
N SER B 370 -5.63 35.02 -36.11
CA SER B 370 -6.03 34.10 -35.04
C SER B 370 -4.86 33.62 -34.16
N ALA B 371 -3.64 33.70 -34.66
CA ALA B 371 -2.46 33.41 -33.84
C ALA B 371 -2.23 34.38 -32.66
N LEU B 372 -2.85 35.56 -32.69
CA LEU B 372 -2.81 36.47 -31.55
C LEU B 372 -3.59 35.95 -30.33
N ASP B 373 -4.61 35.12 -30.57
CA ASP B 373 -5.38 34.48 -29.48
C ASP B 373 -4.61 33.36 -28.74
N ASN B 374 -3.51 32.89 -29.33
CA ASN B 374 -2.54 32.06 -28.61
C ASN B 374 -1.58 33.00 -27.90
N ARG B 375 -1.93 33.33 -26.67
CA ARG B 375 -1.23 34.36 -25.89
C ARG B 375 -1.21 34.01 -24.40
N PRO B 376 -0.45 34.79 -23.60
CA PRO B 376 -0.66 34.77 -22.15
C PRO B 376 -1.79 35.73 -21.79
N LEU B 377 -2.11 35.82 -20.51
CA LEU B 377 -3.11 36.75 -20.03
C LEU B 377 -2.56 38.17 -20.00
N THR B 378 -3.44 39.13 -20.27
CA THR B 378 -3.19 40.53 -19.95
C THR B 378 -3.21 40.70 -18.44
N PHE B 379 -2.54 41.73 -17.93
CA PHE B 379 -2.59 42.02 -16.49
C PHE B 379 -4.05 42.16 -16.03
N GLU B 380 -4.87 42.77 -16.86
CA GLU B 380 -6.24 43.10 -16.51
C GLU B 380 -7.08 41.83 -16.32
N GLU B 381 -6.80 40.78 -17.10
CA GLU B 381 -7.41 39.46 -16.90
C GLU B 381 -6.89 38.67 -15.69
N PHE B 382 -5.60 38.81 -15.39
CA PHE B 382 -5.01 38.22 -14.18
C PHE B 382 -5.84 38.65 -12.95
N GLU B 383 -6.12 39.94 -12.85
CA GLU B 383 -6.94 40.52 -11.76
C GLU B 383 -8.32 39.88 -11.66
N GLN B 384 -8.96 39.63 -12.80
CA GLN B 384 -10.28 39.00 -12.82
C GLN B 384 -10.22 37.58 -12.24
N LYS B 385 -9.10 36.90 -12.48
CA LYS B 385 -8.88 35.56 -11.96
C LYS B 385 -8.29 35.52 -10.55
N ILE B 386 -7.89 36.67 -9.99
CA ILE B 386 -7.50 36.74 -8.60
C ILE B 386 -8.73 36.50 -7.74
N ASN B 387 -8.59 35.62 -6.75
CA ASN B 387 -9.61 35.40 -5.74
C ASN B 387 -9.25 36.24 -4.51
N GLN B 388 -8.16 35.86 -3.84
CA GLN B 388 -7.51 36.70 -2.84
C GLN B 388 -6.00 36.57 -3.01
N ILE B 389 -5.28 37.64 -2.72
CA ILE B 389 -3.85 37.74 -3.03
C ILE B 389 -3.10 38.44 -1.90
N ILE B 390 -1.85 38.06 -1.70
CA ILE B 390 -0.95 38.71 -0.75
C ILE B 390 0.36 39.04 -1.46
N TYR B 391 0.77 40.31 -1.41
CA TYR B 391 2.02 40.78 -2.00
C TYR B 391 3.11 40.85 -0.93
N VAL B 392 4.31 40.38 -1.27
CA VAL B 392 5.43 40.36 -0.35
C VAL B 392 6.59 41.14 -0.95
N SER B 393 7.11 42.10 -0.20
CA SER B 393 8.24 42.92 -0.65
C SER B 393 8.79 43.73 0.51
N ALA B 394 10.09 43.97 0.51
CA ALA B 394 10.70 45.03 1.33
C ALA B 394 10.24 46.42 0.86
N THR B 395 9.98 46.53 -0.43
CA THR B 395 9.70 47.79 -1.09
C THR B 395 8.51 47.64 -2.05
N PRO B 396 7.27 47.56 -1.51
CA PRO B 396 6.09 47.38 -2.35
C PRO B 396 5.94 48.46 -3.42
N GLY B 397 5.53 48.06 -4.61
CA GLY B 397 5.21 49.00 -5.68
C GLY B 397 3.90 49.73 -5.47
N PRO B 398 3.59 50.71 -6.34
CA PRO B 398 2.36 51.49 -6.23
C PRO B 398 1.09 50.66 -6.35
N TYR B 399 1.07 49.72 -7.30
CA TYR B 399 -0.11 48.86 -7.49
C TYR B 399 -0.51 48.12 -6.21
N GLU B 400 0.49 47.63 -5.48
CA GLU B 400 0.26 46.90 -4.22
C GLU B 400 -0.41 47.82 -3.19
N LEU B 401 0.16 49.00 -3.00
CA LEU B 401 -0.30 49.96 -1.97
C LEU B 401 -1.69 50.55 -2.27
N GLU B 402 -1.93 50.87 -3.54
CA GLU B 402 -3.21 51.42 -3.97
C GLU B 402 -4.38 50.45 -3.82
N HIS B 403 -4.09 49.14 -3.86
CA HIS B 403 -5.13 48.11 -3.79
C HIS B 403 -5.29 47.42 -2.43
N SER B 404 -4.31 47.59 -1.54
CA SER B 404 -4.35 46.97 -0.22
C SER B 404 -4.75 47.98 0.88
N PRO B 405 -5.62 47.58 1.83
CA PRO B 405 -6.00 48.49 2.91
C PRO B 405 -4.84 48.64 3.87
N GLY B 406 -4.00 49.63 3.61
CA GLY B 406 -2.76 49.83 4.36
C GLY B 406 -1.79 48.70 4.07
N VAL B 407 -0.88 48.46 5.01
CA VAL B 407 0.07 47.36 4.91
C VAL B 407 0.19 46.57 6.24
N VAL B 408 0.83 45.41 6.15
CA VAL B 408 1.14 44.57 7.29
C VAL B 408 2.66 44.52 7.36
N GLU B 409 3.21 45.07 8.45
CA GLU B 409 4.63 45.42 8.52
C GLU B 409 5.41 44.53 9.47
N GLN B 410 6.43 43.88 8.92
CA GLN B 410 7.27 42.93 9.62
C GLN B 410 8.73 43.37 9.52
N ILE B 411 9.18 44.13 10.53
CA ILE B 411 10.54 44.71 10.56
C ILE B 411 11.50 44.05 11.56
N ILE B 412 10.99 43.65 12.73
CA ILE B 412 11.82 43.03 13.77
C ILE B 412 12.37 41.65 13.37
N ARG B 413 13.70 41.57 13.24
CA ARG B 413 14.40 40.35 12.79
C ARG B 413 14.51 39.26 13.87
N PRO B 414 14.64 37.99 13.45
CA PRO B 414 14.76 36.90 14.44
C PRO B 414 16.08 36.95 15.21
N THR B 415 17.18 37.24 14.51
CA THR B 415 18.51 37.26 15.11
C THR B 415 18.86 38.62 15.76
N GLY B 416 17.90 39.54 15.81
CA GLY B 416 18.09 40.85 16.43
C GLY B 416 18.86 41.87 15.61
N LEU B 417 19.19 41.53 14.36
CA LEU B 417 20.01 42.40 13.52
C LEU B 417 19.28 43.69 13.16
N LEU B 418 20.05 44.76 12.99
CA LEU B 418 19.50 46.08 12.74
C LEU B 418 19.65 46.41 11.27
N ASP B 419 18.85 47.36 10.81
CA ASP B 419 19.12 48.03 9.53
C ASP B 419 20.31 48.97 9.77
N PRO B 420 21.21 49.11 8.78
CA PRO B 420 22.47 49.84 8.95
C PRO B 420 22.34 51.35 9.17
N THR B 421 23.45 51.96 9.58
CA THR B 421 23.61 53.42 9.56
C THR B 421 24.04 53.82 8.14
N ILE B 422 23.56 54.99 7.71
CA ILE B 422 23.92 55.53 6.42
C ILE B 422 24.58 56.88 6.64
N ASP B 423 25.78 57.04 6.08
CA ASP B 423 26.51 58.31 6.04
C ASP B 423 26.55 58.81 4.60
N VAL B 424 26.00 60.00 4.35
CA VAL B 424 26.17 60.69 3.06
C VAL B 424 27.52 61.41 3.09
N ARG B 425 28.24 61.35 1.97
CA ARG B 425 29.60 61.91 1.90
C ARG B 425 29.85 62.52 0.52
N PRO B 426 30.73 63.53 0.43
CA PRO B 426 30.91 64.23 -0.85
C PRO B 426 31.61 63.37 -1.92
N THR B 427 31.44 63.74 -3.20
CA THR B 427 32.08 63.02 -4.31
C THR B 427 33.57 63.38 -4.48
N LYS B 428 33.98 64.53 -3.97
CA LYS B 428 35.39 64.93 -3.97
C LYS B 428 36.19 63.98 -3.10
N GLY B 429 37.08 63.22 -3.72
CA GLY B 429 37.90 62.22 -3.02
C GLY B 429 37.10 61.01 -2.55
N GLN B 430 36.09 60.63 -3.32
CA GLN B 430 35.24 59.48 -3.00
C GLN B 430 35.98 58.15 -3.16
N ILE B 431 36.89 58.06 -4.14
CA ILE B 431 37.61 56.81 -4.43
C ILE B 431 38.67 56.51 -3.37
N ASP B 432 39.37 57.56 -2.89
CA ASP B 432 40.31 57.40 -1.76
C ASP B 432 39.57 57.01 -0.49
N ASP B 433 38.54 57.80 -0.15
CA ASP B 433 37.73 57.55 1.05
C ASP B 433 37.13 56.13 1.11
N LEU B 434 36.75 55.60 -0.05
CA LEU B 434 36.26 54.22 -0.17
C LEU B 434 37.36 53.20 0.11
N ILE B 435 38.54 53.41 -0.48
CA ILE B 435 39.69 52.49 -0.31
C ILE B 435 40.13 52.40 1.16
N GLY B 436 40.21 53.55 1.83
CA GLY B 436 40.55 53.61 3.24
C GLY B 436 39.56 52.85 4.10
N GLU B 437 38.28 53.02 3.78
CA GLU B 437 37.20 52.32 4.48
C GLU B 437 37.22 50.80 4.20
N ILE B 438 37.51 50.41 2.95
CA ILE B 438 37.68 49.00 2.58
C ILE B 438 38.78 48.33 3.41
N ARG B 439 39.93 49.00 3.52
CA ARG B 439 41.09 48.48 4.26
C ARG B 439 40.80 48.27 5.75
N GLU B 440 40.03 49.18 6.35
CA GLU B 440 39.61 49.03 7.74
C GLU B 440 38.70 47.80 7.97
N ARG B 441 37.90 47.46 6.95
CA ARG B 441 37.08 46.24 6.98
C ARG B 441 37.89 44.95 6.82
N VAL B 442 38.96 45.00 6.01
CA VAL B 442 39.86 43.86 5.87
C VAL B 442 40.56 43.51 7.21
N GLU B 443 40.75 44.51 8.08
CA GLU B 443 41.32 44.28 9.42
C GLU B 443 40.30 43.67 10.40
N ARG B 444 39.01 43.95 10.21
CA ARG B 444 37.95 43.31 11.00
C ARG B 444 37.50 41.94 10.44
N ASN B 445 38.10 41.50 9.32
CA ASN B 445 37.70 40.29 8.59
C ASN B 445 36.25 40.42 8.09
N GLU B 446 36.03 41.48 7.33
CA GLU B 446 34.71 41.83 6.78
C GLU B 446 34.83 42.20 5.30
N ARG B 447 33.77 41.95 4.55
CA ARG B 447 33.74 42.19 3.10
C ARG B 447 32.93 43.46 2.78
N THR B 448 33.10 43.98 1.57
CA THR B 448 32.48 45.23 1.13
C THR B 448 31.74 45.00 -0.19
N LEU B 449 30.69 45.78 -0.44
CA LEU B 449 30.00 45.81 -1.75
C LEU B 449 29.95 47.25 -2.28
N VAL B 450 30.05 47.39 -3.61
CA VAL B 450 30.08 48.70 -4.28
C VAL B 450 29.20 48.70 -5.52
N THR B 451 28.26 49.64 -5.60
CA THR B 451 27.38 49.78 -6.78
C THR B 451 27.74 50.98 -7.65
N THR B 452 27.60 50.80 -8.97
CA THR B 452 27.85 51.85 -9.97
C THR B 452 26.68 51.88 -10.98
N LEU B 453 26.82 52.71 -12.02
CA LEU B 453 25.75 52.94 -13.00
C LEU B 453 25.82 52.07 -14.25
N THR B 454 27.03 51.81 -14.74
CA THR B 454 27.23 51.00 -15.95
C THR B 454 28.17 49.82 -15.70
N LYS B 455 28.15 48.87 -16.62
CA LYS B 455 29.09 47.75 -16.60
C LYS B 455 30.52 48.24 -16.77
N LYS B 456 30.72 49.19 -17.69
CA LYS B 456 32.06 49.70 -17.95
C LYS B 456 32.65 50.48 -16.76
N MET B 457 31.81 51.22 -16.04
CA MET B 457 32.23 51.90 -14.80
C MET B 457 32.64 50.91 -13.70
N ALA B 458 31.88 49.81 -13.60
CA ALA B 458 32.21 48.74 -12.65
C ALA B 458 33.55 48.07 -12.99
N GLU B 459 33.78 47.83 -14.27
CA GLU B 459 35.04 47.23 -14.75
C GLU B 459 36.24 48.15 -14.53
N ASP B 460 36.07 49.46 -14.76
CA ASP B 460 37.14 50.45 -14.53
C ASP B 460 37.47 50.60 -13.05
N LEU B 461 36.44 50.70 -12.21
CA LEU B 461 36.62 50.79 -10.76
C LEU B 461 37.23 49.51 -10.17
N THR B 462 36.98 48.37 -10.81
CA THR B 462 37.61 47.10 -10.43
C THR B 462 39.12 47.16 -10.67
N ASP B 463 39.51 47.62 -11.87
CA ASP B 463 40.93 47.75 -12.23
C ASP B 463 41.70 48.66 -11.26
N TYR B 464 41.09 49.80 -10.91
CA TYR B 464 41.73 50.79 -10.05
C TYR B 464 41.93 50.28 -8.62
N LEU B 465 40.96 49.54 -8.10
CA LEU B 465 41.07 48.90 -6.78
C LEU B 465 42.11 47.76 -6.76
N LYS B 466 42.22 47.02 -7.88
CA LYS B 466 43.24 45.98 -8.03
C LYS B 466 44.65 46.57 -7.99
N GLU B 467 44.89 47.59 -8.81
CA GLU B 467 46.18 48.31 -8.85
C GLU B 467 46.55 48.97 -7.51
N ALA B 468 45.53 49.28 -6.70
CA ALA B 468 45.72 49.67 -5.30
C ALA B 468 45.89 48.48 -4.33
N GLY B 469 46.10 47.26 -4.86
CA GLY B 469 46.40 46.08 -4.05
C GLY B 469 45.25 45.54 -3.20
N ILE B 470 44.06 45.49 -3.78
CA ILE B 470 42.84 45.02 -3.08
C ILE B 470 42.25 43.82 -3.82
N LYS B 471 41.76 42.85 -3.05
CA LYS B 471 41.19 41.62 -3.60
C LYS B 471 39.73 41.84 -3.99
N VAL B 472 39.47 41.87 -5.30
CA VAL B 472 38.18 42.34 -5.84
C VAL B 472 37.87 41.77 -7.23
N ALA B 473 36.58 41.64 -7.53
CA ALA B 473 36.11 41.29 -8.89
C ALA B 473 34.80 41.99 -9.21
N TYR B 474 34.48 42.07 -10.51
CA TYR B 474 33.22 42.69 -10.95
C TYR B 474 32.15 41.63 -11.17
N LEU B 475 30.89 42.03 -10.98
CA LEU B 475 29.73 41.13 -11.12
C LEU B 475 28.59 41.82 -11.90
N HIS B 476 28.34 41.36 -13.13
CA HIS B 476 27.23 41.86 -13.95
C HIS B 476 26.80 40.87 -15.06
N SER B 477 25.61 41.09 -15.62
CA SER B 477 24.91 40.15 -16.53
C SER B 477 25.73 39.39 -17.58
N GLU B 478 26.81 40.01 -18.06
CA GLU B 478 27.72 39.40 -19.04
C GLU B 478 28.51 38.21 -18.49
N ILE B 479 28.60 38.10 -17.17
CA ILE B 479 29.12 36.91 -16.49
C ILE B 479 28.06 35.80 -16.48
N LYS B 480 28.45 34.61 -16.91
CA LYS B 480 27.60 33.39 -16.89
C LYS B 480 27.14 33.02 -15.47
N THR B 481 25.97 32.38 -15.38
CA THR B 481 25.31 32.09 -14.09
C THR B 481 26.15 31.17 -13.18
N LEU B 482 26.76 30.14 -13.75
CA LEU B 482 27.67 29.24 -13.00
C LEU B 482 28.89 30.02 -12.51
N GLU B 483 29.42 30.88 -13.37
CA GLU B 483 30.59 31.69 -13.03
C GLU B 483 30.31 32.72 -11.92
N ARG B 484 29.04 33.10 -11.73
CA ARG B 484 28.62 33.91 -10.57
C ARG B 484 28.67 33.11 -9.28
N ILE B 485 28.22 31.85 -9.34
CA ILE B 485 28.29 30.95 -8.18
C ILE B 485 29.74 30.91 -7.66
N GLU B 486 30.69 30.86 -8.60
CA GLU B 486 32.11 30.91 -8.25
C GLU B 486 32.44 32.23 -7.54
N ILE B 487 32.10 33.34 -8.17
CA ILE B 487 32.49 34.68 -7.70
C ILE B 487 31.92 35.03 -6.32
N ILE B 488 30.65 34.67 -6.08
CA ILE B 488 30.00 34.93 -4.79
C ILE B 488 30.65 34.04 -3.72
N ARG B 489 30.72 32.75 -4.01
CA ARG B 489 31.43 31.77 -3.16
C ARG B 489 32.81 32.29 -2.75
N ASP B 490 33.58 32.75 -3.73
CA ASP B 490 34.91 33.30 -3.50
C ASP B 490 34.89 34.51 -2.54
N LEU B 491 33.91 35.40 -2.70
CA LEU B 491 33.73 36.55 -1.78
C LEU B 491 33.36 36.10 -0.37
N ARG B 492 32.39 35.18 -0.28
CA ARG B 492 31.94 34.61 1.00
C ARG B 492 33.09 34.04 1.82
N LEU B 493 33.98 33.31 1.14
CA LEU B 493 35.16 32.73 1.77
C LEU B 493 36.14 33.82 2.22
N GLY B 494 36.55 34.68 1.29
CA GLY B 494 37.61 35.66 1.52
C GLY B 494 38.64 35.85 0.40
N LYS B 495 38.54 35.05 -0.67
CA LYS B 495 39.37 35.23 -1.88
C LYS B 495 39.24 36.63 -2.50
N TYR B 496 38.02 37.17 -2.49
CA TYR B 496 37.78 38.58 -2.77
C TYR B 496 37.29 39.23 -1.46
N ASP B 497 37.79 40.43 -1.16
CA ASP B 497 37.30 41.23 -0.01
C ASP B 497 36.29 42.33 -0.41
N VAL B 498 36.11 42.55 -1.71
CA VAL B 498 35.14 43.51 -2.24
C VAL B 498 34.50 42.95 -3.51
N LEU B 499 33.27 43.35 -3.77
CA LEU B 499 32.58 43.00 -5.01
C LEU B 499 31.96 44.29 -5.60
N VAL B 500 32.30 44.59 -6.84
CA VAL B 500 31.82 45.77 -7.53
C VAL B 500 30.75 45.35 -8.51
N GLY B 501 29.63 46.08 -8.54
CA GLY B 501 28.49 45.70 -9.38
C GLY B 501 27.56 46.84 -9.77
N ILE B 502 26.41 46.46 -10.32
CA ILE B 502 25.39 47.42 -10.78
C ILE B 502 24.01 47.03 -10.25
N ASN B 503 23.40 45.99 -10.83
CA ASN B 503 22.00 45.64 -10.52
C ASN B 503 21.75 44.16 -10.21
N LEU B 504 22.79 43.40 -9.84
CA LEU B 504 22.64 42.05 -9.28
C LEU B 504 22.83 42.04 -7.76
N LEU B 505 23.21 43.17 -7.18
CA LEU B 505 23.45 43.26 -5.74
C LEU B 505 22.24 43.89 -5.07
N ARG B 506 21.10 43.22 -5.20
CA ARG B 506 19.83 43.71 -4.67
C ARG B 506 19.01 42.53 -4.10
N GLU B 507 17.93 42.11 -4.76
CA GLU B 507 17.00 41.14 -4.18
C GLU B 507 17.62 39.75 -4.05
N GLY B 508 17.56 39.18 -2.84
CA GLY B 508 17.92 37.77 -2.61
C GLY B 508 19.37 37.47 -2.27
N LEU B 509 20.27 38.43 -2.46
CA LEU B 509 21.70 38.22 -2.18
C LEU B 509 22.00 38.26 -0.68
N ASP B 510 22.12 37.08 -0.07
CA ASP B 510 22.38 36.94 1.37
C ASP B 510 23.84 36.61 1.63
N ILE B 511 24.63 37.65 1.91
CA ILE B 511 26.04 37.51 2.25
C ILE B 511 26.23 38.10 3.66
N PRO B 512 26.20 37.23 4.72
CA PRO B 512 26.39 37.72 6.10
C PRO B 512 27.79 38.28 6.38
N GLU B 513 28.76 37.95 5.55
CA GLU B 513 30.13 38.48 5.68
C GLU B 513 30.21 39.99 5.36
N VAL B 514 29.40 40.45 4.40
CA VAL B 514 29.40 41.86 3.98
C VAL B 514 28.93 42.78 5.09
N SER B 515 29.77 43.75 5.44
CA SER B 515 29.45 44.76 6.47
C SER B 515 29.37 46.20 5.94
N LEU B 516 29.73 46.41 4.67
CA LEU B 516 29.78 47.74 4.08
C LEU B 516 29.23 47.77 2.65
N VAL B 517 28.20 48.59 2.42
CA VAL B 517 27.68 48.87 1.08
C VAL B 517 28.15 50.27 0.69
N ALA B 518 28.64 50.39 -0.55
CA ALA B 518 29.08 51.68 -1.10
C ALA B 518 28.24 51.98 -2.33
N ILE B 519 27.51 53.10 -2.29
CA ILE B 519 26.72 53.53 -3.43
C ILE B 519 27.37 54.78 -4.03
N LEU B 520 28.11 54.57 -5.12
CA LEU B 520 28.61 55.66 -5.96
C LEU B 520 27.47 56.22 -6.81
N ASP B 521 27.68 57.41 -7.35
CA ASP B 521 26.65 58.14 -8.10
C ASP B 521 25.27 57.97 -7.44
N ALA B 522 25.23 58.25 -6.14
CA ALA B 522 24.04 58.06 -5.35
C ALA B 522 22.90 59.03 -5.72
N ASP B 523 23.24 60.22 -6.20
CA ASP B 523 22.22 61.23 -6.54
C ASP B 523 21.77 61.19 -8.01
N LYS B 524 22.47 60.47 -8.89
CA LYS B 524 22.02 60.39 -10.29
C LYS B 524 20.70 59.64 -10.37
N GLU B 525 19.62 60.38 -10.64
CA GLU B 525 18.28 59.81 -10.63
C GLU B 525 18.07 58.89 -11.84
N GLY B 526 17.10 57.99 -11.69
CA GLY B 526 16.85 56.89 -12.63
C GLY B 526 16.40 55.66 -11.88
N PHE B 527 16.32 54.52 -12.58
CA PHE B 527 15.87 53.27 -11.98
C PHE B 527 16.84 52.80 -10.91
N LEU B 528 18.14 52.78 -11.25
CA LEU B 528 19.17 52.31 -10.32
C LEU B 528 19.23 53.05 -8.98
N ARG B 529 18.81 54.31 -8.94
CA ARG B 529 18.85 55.11 -7.72
C ARG B 529 17.47 55.68 -7.34
N SER B 530 16.42 54.90 -7.54
CA SER B 530 15.10 55.24 -7.04
C SER B 530 15.02 54.91 -5.54
N GLU B 531 13.90 55.28 -4.92
CA GLU B 531 13.64 54.95 -3.51
C GLU B 531 13.83 53.47 -3.25
N ARG B 532 13.15 52.65 -4.05
CA ARG B 532 13.07 51.22 -3.85
C ARG B 532 14.41 50.55 -4.10
N SER B 533 15.02 50.85 -5.24
CA SER B 533 16.37 50.37 -5.57
C SER B 533 17.35 50.59 -4.44
N LEU B 534 17.34 51.80 -3.86
CA LEU B 534 18.24 52.14 -2.75
C LEU B 534 17.94 51.30 -1.51
N ILE B 535 16.68 51.32 -1.07
CA ILE B 535 16.25 50.57 0.12
C ILE B 535 16.63 49.09 -0.01
N GLN B 536 16.51 48.56 -1.22
CA GLN B 536 16.84 47.17 -1.49
C GLN B 536 18.35 46.92 -1.40
N THR B 537 19.14 47.82 -1.98
CA THR B 537 20.61 47.74 -1.90
C THR B 537 21.14 47.96 -0.47
N ILE B 538 20.51 48.87 0.26
CA ILE B 538 20.81 49.05 1.69
C ILE B 538 20.68 47.72 2.45
N GLY B 539 19.67 46.93 2.10
CA GLY B 539 19.42 45.60 2.70
C GLY B 539 20.53 44.57 2.67
N ARG B 540 21.50 44.72 1.76
CA ARG B 540 22.68 43.86 1.72
C ARG B 540 23.58 44.04 2.96
N ALA B 541 23.49 45.22 3.59
CA ALA B 541 24.18 45.49 4.85
C ALA B 541 23.57 44.71 6.02
N ALA B 542 22.23 44.72 6.10
CA ALA B 542 21.51 44.28 7.31
C ALA B 542 21.65 42.79 7.72
N ARG B 543 22.49 42.02 7.02
CA ARG B 543 22.81 40.64 7.42
C ARG B 543 24.07 40.52 8.32
N ASN B 544 24.72 41.66 8.61
CA ASN B 544 25.91 41.72 9.48
C ASN B 544 25.69 42.68 10.67
N ALA B 545 26.33 42.37 11.80
CA ALA B 545 26.20 43.19 13.02
C ALA B 545 26.86 44.57 12.91
N ASN B 546 27.96 44.67 12.17
CA ASN B 546 28.62 45.96 11.87
C ASN B 546 28.11 46.51 10.52
N GLY B 547 26.81 46.42 10.27
CA GLY B 547 26.23 46.82 9.00
C GLY B 547 26.24 48.33 8.86
N HIS B 548 26.82 48.82 7.77
CA HIS B 548 26.92 50.26 7.51
C HIS B 548 26.91 50.53 6.00
N VAL B 549 26.32 51.67 5.61
CA VAL B 549 26.27 52.08 4.21
C VAL B 549 26.88 53.46 4.04
N ILE B 550 27.57 53.66 2.93
CA ILE B 550 28.09 54.98 2.54
C ILE B 550 27.56 55.32 1.14
N MET B 551 26.81 56.42 1.06
CA MET B 551 26.32 56.94 -0.21
C MET B 551 27.20 58.09 -0.65
N TYR B 552 27.85 57.95 -1.81
CA TYR B 552 28.75 58.96 -2.33
C TYR B 552 28.03 59.87 -3.32
N ALA B 553 27.61 61.03 -2.83
CA ALA B 553 26.91 62.06 -3.62
C ALA B 553 27.03 63.45 -3.01
N ASP B 554 26.74 64.47 -3.81
CA ASP B 554 26.84 65.88 -3.40
C ASP B 554 25.48 66.46 -2.98
N THR B 555 24.43 66.18 -3.76
CA THR B 555 23.07 66.49 -3.34
C THR B 555 22.43 65.28 -2.67
N ILE B 556 21.33 65.51 -1.97
CA ILE B 556 20.48 64.46 -1.43
C ILE B 556 19.16 64.52 -2.19
N THR B 557 18.87 63.48 -2.98
CA THR B 557 17.63 63.44 -3.77
C THR B 557 16.43 63.14 -2.89
N LYS B 558 15.25 63.30 -3.47
CA LYS B 558 14.00 62.90 -2.83
C LYS B 558 14.04 61.41 -2.56
N SER B 559 14.39 60.62 -3.58
CA SER B 559 14.56 59.16 -3.44
C SER B 559 15.49 58.81 -2.27
N MET B 560 16.67 59.43 -2.23
CA MET B 560 17.65 59.20 -1.15
C MET B 560 17.13 59.51 0.25
N GLU B 561 16.29 60.54 0.34
CA GLU B 561 15.77 61.00 1.63
C GLU B 561 14.85 59.97 2.27
N ILE B 562 13.97 59.37 1.47
CA ILE B 562 12.99 58.40 1.97
C ILE B 562 13.71 57.11 2.37
N ALA B 563 14.69 56.69 1.56
CA ALA B 563 15.54 55.54 1.89
C ALA B 563 16.23 55.71 3.25
N ILE B 564 16.80 56.88 3.51
CA ILE B 564 17.44 57.16 4.80
C ILE B 564 16.41 57.36 5.91
N GLN B 565 15.32 58.07 5.61
CA GLN B 565 14.26 58.33 6.59
C GLN B 565 13.59 57.03 7.05
N GLU B 566 13.37 56.11 6.11
CA GLU B 566 12.80 54.79 6.43
C GLU B 566 13.78 53.87 7.15
N THR B 567 15.04 53.84 6.66
CA THR B 567 16.11 53.04 7.28
C THR B 567 16.40 53.49 8.71
N LYS B 568 16.29 54.79 8.96
CA LYS B 568 16.45 55.37 10.29
C LYS B 568 15.33 54.91 11.24
N ARG B 569 14.09 54.91 10.74
CA ARG B 569 12.92 54.53 11.53
C ARG B 569 12.94 53.07 11.94
N ARG B 570 13.21 52.19 10.97
CA ARG B 570 13.37 50.76 11.23
C ARG B 570 14.40 50.50 12.30
N ARG B 571 15.56 51.14 12.17
CA ARG B 571 16.66 50.95 13.11
C ARG B 571 16.28 51.35 14.55
N ALA B 572 15.54 52.46 14.68
CA ALA B 572 15.07 52.93 15.99
C ALA B 572 14.14 51.92 16.68
N ILE B 573 13.19 51.37 15.91
CA ILE B 573 12.22 50.40 16.42
C ILE B 573 12.90 49.03 16.63
N GLN B 574 13.88 48.70 15.78
CA GLN B 574 14.73 47.52 15.96
C GLN B 574 15.64 47.61 17.19
N GLU B 575 16.12 48.81 17.50
CA GLU B 575 16.88 49.06 18.74
C GLU B 575 15.98 48.93 19.97
N GLU B 576 14.80 49.56 19.89
CA GLU B 576 13.79 49.46 20.95
C GLU B 576 13.42 48.01 21.28
N TYR B 577 13.22 47.18 20.25
CA TYR B 577 12.93 45.75 20.45
C TYR B 577 14.13 45.02 21.04
N ASN B 578 15.34 45.29 20.53
CA ASN B 578 16.56 44.71 21.10
C ASN B 578 16.76 45.13 22.56
N ARG B 579 16.41 46.37 22.90
CA ARG B 579 16.57 46.89 24.25
C ARG B 579 15.73 46.12 25.25
N LYS B 580 14.43 46.05 25.00
CA LYS B 580 13.47 45.42 25.90
C LYS B 580 13.81 43.97 26.28
N HIS B 581 14.09 43.15 25.29
CA HIS B 581 14.37 41.71 25.50
C HIS B 581 15.83 41.41 25.86
N GLY B 582 16.72 42.39 25.72
CA GLY B 582 18.14 42.22 26.08
C GLY B 582 18.91 41.40 25.06
N ILE B 583 18.68 41.68 23.78
CA ILE B 583 19.37 40.98 22.69
C ILE B 583 20.55 41.83 22.17
N VAL B 584 21.73 41.23 22.19
CA VAL B 584 22.90 41.74 21.48
C VAL B 584 22.86 41.08 20.10
N PRO B 585 22.77 41.87 19.01
CA PRO B 585 22.77 41.27 17.67
C PRO B 585 24.05 40.52 17.31
N ARG B 586 23.90 39.33 16.71
CA ARG B 586 25.02 38.57 16.15
C ARG B 586 24.78 38.26 14.68
N THR B 587 25.88 38.26 13.92
CA THR B 587 25.87 37.95 12.50
C THR B 587 25.77 36.43 12.32
N VAL B 588 24.55 35.91 12.21
CA VAL B 588 24.36 34.46 12.03
C VAL B 588 24.83 34.07 10.62
N LYS B 589 25.63 33.00 10.54
CA LYS B 589 26.32 32.64 9.31
C LYS B 589 25.86 31.32 8.70
N LYS B 590 25.48 31.39 7.43
CA LYS B 590 25.25 30.21 6.59
C LYS B 590 26.60 29.53 6.34
N GLU B 591 26.61 28.50 5.51
CA GLU B 591 27.85 27.89 5.05
C GLU B 591 27.74 27.57 3.57
N ILE B 592 28.81 27.02 2.98
CA ILE B 592 28.88 26.75 1.55
C ILE B 592 29.10 25.26 1.30
#